data_6O2P
#
_entry.id   6O2P
#
_cell.length_a   1
_cell.length_b   1
_cell.length_c   1
_cell.angle_alpha   90
_cell.angle_beta   90
_cell.angle_gamma   90
#
_symmetry.space_group_name_H-M   'P 1'
#
loop_
_entity.id
_entity.type
_entity.pdbx_description
1 polymer 'Cystic fibrosis transmembrane conductance regulator'
2 polymer 'Unknown Peptide'
3 non-polymer 'MAGNESIUM ION'
4 non-polymer "ADENOSINE-5'-TRIPHOSPHATE"
5 non-polymer '(2S)-3-(hexadecanoyloxy)-2-[(9Z)-octadec-9-enoyloxy]propyl 2-(trimethylammonio)ethyl phosphate'
6 non-polymer Digitonin
7 non-polymer N-(2,4-di-tert-butyl-5-hydroxyphenyl)-4-oxo-1,4-dihydroquinoline-3-carboxamide
#
loop_
_entity_poly.entity_id
_entity_poly.type
_entity_poly.pdbx_seq_one_letter_code
_entity_poly.pdbx_strand_id
1 'polypeptide(L)'
;MQRSPLEKASVVSKLFFSWTRPILRKGYRQRLELSDIYQIPSVDSADNLSEKLEREWDRELASKKNPKLINALRRCFFWR
FMFYGIFLYLGEVTKAVQPLLLGRIIASYDPDNKEERSIAIYLGIGLCLLFIVRTLLLHPAIFGLHHIGMQMRIAMFSLI
YKKTLKLSSRVLDKISIGQLVSLLSNNLNKFDEGLALAHFVWIAPLQVALLMGLIWELLQASAFCGLGFLIVLALFQAGL
GRMMMKYRDQRAGKISERLVITSEMIENIQSVKAYCWEEAMEKMIENLRQTELKLTRKAAYVRYFNSSAFFFSGFFVVFL
SVLPYALIKGIILRKIFTTISFCIVLRMAVTRQFPWAVQTWYDSLGAINKIQDFLQKQEYKTLEYNLTTTEVVMENVTAF
WEEGFGELFEKAKQNNNNRKTSNGDDSLFFSNFSLLGTPVLKDINFKIERGQLLAVAGSTGAGKTSLLMVIMGELEPSEG
KIKHSGRISFCSQFSWIMPGTIKENIIFGVSYDEYRYRSVIKACQLEEDISKFAEKDNIVLGEGGITLSGGQRARISLAR
AVYKDADLYLLDSPFGYLDVLTEKEIFESCVCKLMANKTRILVTSKMEHLKKADKILILHEGSSYFYGTFSELQNLQPDF
SSKLMGCDSFDQFSAERRNSILTETLHRFSLEGDAPVSWTETKKQSFKQTGEFGEKRKNSILNPINSIRKFSIVQKTPLQ
MNGIEEDSDEPLERRLSLVPDSEQGEAILPRISVISTGPTLQARRRQSVLNLMTHSVNQGQNIHRKTTASTRKVSLAPQA
NLTELDIYSRRLSQETGLEISEEINEEDLKECFFDDMESIPAVTTWNTYLRYITVHKSLIFVLIWCLVIFLAEVAASLVV
LWLLGNTPLQDKGNSTHSRNNSYAVIITSTSSYYVFYIYVGVADTLLAMGFFRGLPLVHTLITVSKILHHKMLHSVLQAP
MSTLNTLKAGGILNRFSKDIAILDDLLPLTIFDFIQLLLIVIGAIAVVAVLQPYIFVATVPVIVAFIMLRAYFLQTSQQL
KQLESEGRSPIFTHLVTSLKGLWTLRAFGRQPYFETLFHKALNLHTANWFLYLSTLRWFQMRIEMIFVIFFIAVTFISIL
TTGEGEGRVGIILTLAMNIMSTLQWAVNSSIDVDSLMRSVSRVFKFIDMPTEGKPTKSTKPYKNGQLSKVMIIENSHVKK
DDIWPSGGQMTVKDLTAKYTEGGNAILENISFSISPGQRVGLLGRTGSGKSTLLSAFLRLLNTEGEIQIDGVSWDSITLQ
QWRKAFGVIPQKVFIFSGTFRKNLDPYEQWSDQEIWKVADEVGLRSVIEQFPGKLDFVLVDGGCVLSHGHKQLMCLARSV
LSKAKILLLDQPSAHLDPVTYQIIRRTLKQAFADCTVILCEHRIEAMLECQQFLVIEENKVRQYDSIQKLLNERSLFRQA
ISPSDRVKLFPHRNSSKCKSKPQIAALKEETEEEVQDTRLSNSLEVLFQ
;
A
2 'polypeptide(L)'
;(UNK)(UNK)(UNK)(UNK)(UNK)(UNK)(UNK)(UNK)(UNK)(UNK)(UNK)(UNK)(UNK)(UNK)(UNK)(UNK)
(UNK)
;
B
#
# COMPACT_ATOMS: atom_id res chain seq x y z
N MET A 1 23.84 13.47 -8.29
CA MET A 1 22.47 13.95 -8.67
C MET A 1 22.57 15.17 -9.60
N GLN A 2 21.75 15.20 -10.66
CA GLN A 2 21.63 16.32 -11.62
C GLN A 2 20.44 17.19 -11.18
N ARG A 3 20.60 18.52 -11.22
CA ARG A 3 19.56 19.51 -10.82
C ARG A 3 18.48 19.61 -11.91
N SER A 4 17.31 20.14 -11.54
CA SER A 4 16.10 20.24 -12.41
C SER A 4 16.39 21.19 -13.58
N PRO A 5 16.14 20.78 -14.85
CA PRO A 5 16.29 21.68 -15.99
C PRO A 5 15.17 22.73 -16.11
N LEU A 6 14.06 22.56 -15.36
CA LEU A 6 12.95 23.53 -15.26
C LEU A 6 13.46 24.86 -14.65
N GLU A 7 14.39 24.78 -13.70
CA GLU A 7 14.96 25.93 -12.94
C GLU A 7 15.44 27.01 -13.91
N LYS A 8 16.41 26.69 -14.78
CA LYS A 8 16.94 27.59 -15.84
C LYS A 8 16.30 27.20 -17.17
N ALA A 9 15.31 27.98 -17.63
CA ALA A 9 14.56 27.76 -18.89
C ALA A 9 13.80 29.02 -19.27
N SER A 10 13.75 29.35 -20.57
CA SER A 10 13.06 30.55 -21.13
C SER A 10 11.54 30.32 -21.13
N VAL A 11 10.77 31.41 -21.10
CA VAL A 11 9.27 31.39 -21.06
C VAL A 11 8.76 30.46 -22.17
N VAL A 12 9.38 30.51 -23.35
CA VAL A 12 9.06 29.63 -24.53
C VAL A 12 9.21 28.17 -24.10
N SER A 13 10.34 27.81 -23.51
CA SER A 13 10.69 26.42 -23.09
C SER A 13 9.64 25.89 -22.11
N LYS A 14 9.29 26.70 -21.10
CA LYS A 14 8.27 26.39 -20.06
C LYS A 14 6.88 26.30 -20.70
N LEU A 15 6.56 27.19 -21.64
CA LEU A 15 5.24 27.26 -22.32
C LEU A 15 5.04 26.03 -23.20
N PHE A 16 5.99 25.75 -24.09
CA PHE A 16 5.94 24.65 -25.10
C PHE A 16 6.44 23.32 -24.51
N PHE A 17 6.97 23.32 -23.27
CA PHE A 17 7.50 22.14 -22.54
C PHE A 17 8.67 21.52 -23.31
N SER A 18 9.63 22.36 -23.74
CA SER A 18 10.84 21.93 -24.50
C SER A 18 11.94 21.47 -23.53
N TRP A 19 11.80 21.78 -22.23
CA TRP A 19 12.74 21.38 -21.15
C TRP A 19 12.65 19.87 -20.86
N THR A 20 11.52 19.22 -21.20
CA THR A 20 11.28 17.77 -21.01
C THR A 20 11.86 16.95 -22.18
N ARG A 21 12.35 17.60 -23.24
CA ARG A 21 12.74 16.98 -24.54
C ARG A 21 13.90 15.99 -24.37
N PRO A 22 14.98 16.29 -23.61
CA PRO A 22 16.16 15.41 -23.52
C PRO A 22 15.84 13.95 -23.15
N ILE A 23 15.05 13.74 -22.09
CA ILE A 23 14.79 12.40 -21.47
C ILE A 23 14.04 11.49 -22.45
N LEU A 24 13.25 12.06 -23.38
CA LEU A 24 12.55 11.29 -24.43
C LEU A 24 13.57 10.68 -25.41
N ARG A 25 14.48 11.51 -25.92
CA ARG A 25 15.59 11.09 -26.83
C ARG A 25 16.50 10.07 -26.12
N LYS A 26 16.81 10.31 -24.84
CA LYS A 26 17.66 9.43 -24.00
C LYS A 26 16.92 8.10 -23.72
N GLY A 27 15.60 8.17 -23.49
CA GLY A 27 14.75 7.02 -23.12
C GLY A 27 14.30 6.19 -24.31
N TYR A 28 14.28 6.78 -25.52
CA TYR A 28 13.85 6.11 -26.78
C TYR A 28 14.93 5.10 -27.23
N ARG A 29 16.21 5.47 -27.13
CA ARG A 29 17.37 4.67 -27.62
C ARG A 29 17.75 3.60 -26.60
N GLN A 30 17.81 3.94 -25.30
CA GLN A 30 18.43 3.13 -24.22
C GLN A 30 17.41 2.88 -23.10
N ARG A 31 17.79 2.07 -22.11
CA ARG A 31 17.08 1.92 -20.81
C ARG A 31 17.42 3.15 -19.94
N LEU A 32 16.46 3.66 -19.18
CA LEU A 32 16.60 4.89 -18.33
C LEU A 32 17.70 4.66 -17.28
N GLU A 33 18.66 5.59 -17.22
CA GLU A 33 19.78 5.59 -16.24
C GLU A 33 19.39 6.44 -15.02
N LEU A 34 19.73 5.97 -13.81
CA LEU A 34 19.41 6.63 -12.52
C LEU A 34 19.95 8.08 -12.54
N SER A 35 21.08 8.32 -13.21
CA SER A 35 21.71 9.65 -13.43
C SER A 35 20.75 10.61 -14.15
N ASP A 36 19.92 10.10 -15.08
CA ASP A 36 19.03 10.93 -15.94
C ASP A 36 17.83 11.46 -15.15
N ILE A 37 17.48 10.83 -14.02
CA ILE A 37 16.37 11.29 -13.12
C ILE A 37 16.84 12.57 -12.42
N TYR A 38 16.16 13.69 -12.70
CA TYR A 38 16.52 15.05 -12.21
C TYR A 38 16.07 15.19 -10.75
N GLN A 39 16.78 16.03 -9.98
CA GLN A 39 16.39 16.41 -8.59
C GLN A 39 15.09 17.22 -8.66
N ILE A 40 14.25 17.14 -7.62
CA ILE A 40 12.97 17.90 -7.51
C ILE A 40 13.28 19.40 -7.45
N PRO A 41 12.40 20.28 -8.00
CA PRO A 41 12.54 21.73 -7.80
C PRO A 41 12.44 22.15 -6.32
N SER A 42 13.05 23.31 -6.00
CA SER A 42 13.12 23.89 -4.62
C SER A 42 11.71 24.22 -4.10
N VAL A 43 10.78 24.58 -4.99
CA VAL A 43 9.39 25.01 -4.66
C VAL A 43 8.67 23.86 -3.93
N ASP A 44 8.64 22.68 -4.55
CA ASP A 44 7.86 21.49 -4.08
C ASP A 44 8.82 20.44 -3.51
N SER A 45 9.48 20.77 -2.39
CA SER A 45 10.17 19.83 -1.47
C SER A 45 9.25 19.54 -0.28
N ALA A 46 9.53 18.48 0.47
CA ALA A 46 8.72 18.00 1.62
C ALA A 46 8.81 18.99 2.80
N ASP A 47 10.00 19.57 3.03
CA ASP A 47 10.30 20.46 4.19
C ASP A 47 9.49 21.76 4.09
N ASN A 48 9.49 22.40 2.92
CA ASN A 48 8.86 23.72 2.67
C ASN A 48 7.33 23.61 2.76
N LEU A 49 6.75 22.59 2.12
CA LEU A 49 5.29 22.35 2.05
C LEU A 49 4.76 21.90 3.42
N SER A 50 5.61 21.25 4.25
CA SER A 50 5.35 20.99 5.68
C SER A 50 5.38 22.32 6.45
N GLU A 51 6.52 23.03 6.36
CA GLU A 51 6.80 24.32 7.06
C GLU A 51 5.66 25.32 6.83
N LYS A 52 5.20 25.46 5.58
CA LYS A 52 4.19 26.46 5.15
C LYS A 52 2.83 26.15 5.78
N LEU A 53 2.33 24.92 5.60
CA LEU A 53 0.96 24.49 6.01
C LEU A 53 0.92 24.26 7.53
N GLU A 54 1.99 23.73 8.12
CA GLU A 54 2.15 23.53 9.59
C GLU A 54 1.88 24.87 10.30
N ARG A 55 2.48 25.96 9.82
CA ARG A 55 2.32 27.34 10.36
C ARG A 55 0.87 27.80 10.19
N GLU A 56 0.26 27.53 9.04
CA GLU A 56 -1.13 27.96 8.70
C GLU A 56 -2.17 27.16 9.48
N TRP A 57 -1.86 25.91 9.89
CA TRP A 57 -2.80 25.01 10.60
C TRP A 57 -2.85 25.37 12.11
N ASP A 58 -1.69 25.60 12.74
CA ASP A 58 -1.61 26.00 14.18
C ASP A 58 -2.24 27.39 14.34
N ARG A 59 -2.10 28.27 13.33
CA ARG A 59 -2.77 29.59 13.24
C ARG A 59 -4.29 29.39 13.22
N GLU A 60 -4.78 28.39 12.45
CA GLU A 60 -6.22 28.00 12.38
C GLU A 60 -6.67 27.43 13.73
N LEU A 61 -5.87 26.57 14.35
CA LEU A 61 -6.15 25.99 15.70
C LEU A 61 -6.19 27.10 16.75
N ALA A 62 -5.32 28.11 16.64
CA ALA A 62 -5.14 29.22 17.62
C ALA A 62 -6.32 30.20 17.55
N SER A 63 -6.70 30.62 16.34
CA SER A 63 -7.70 31.69 16.10
C SER A 63 -9.13 31.14 16.32
N LYS A 64 -9.61 30.29 15.41
CA LYS A 64 -11.05 29.91 15.28
C LYS A 64 -11.47 28.99 16.43
N LYS A 65 -12.78 28.94 16.70
CA LYS A 65 -13.40 28.07 17.75
C LYS A 65 -13.45 26.63 17.22
N ASN A 66 -14.08 26.43 16.06
CA ASN A 66 -14.18 25.13 15.33
C ASN A 66 -13.34 25.22 14.06
N PRO A 67 -12.06 24.79 14.08
CA PRO A 67 -11.17 24.96 12.93
C PRO A 67 -11.45 23.95 11.81
N LYS A 68 -11.15 24.34 10.56
CA LYS A 68 -11.30 23.47 9.35
C LYS A 68 -10.01 23.53 8.52
N LEU A 69 -9.55 22.38 8.04
CA LEU A 69 -8.25 22.22 7.32
C LEU A 69 -8.32 22.95 5.97
N ILE A 70 -9.49 22.95 5.32
CA ILE A 70 -9.75 23.64 4.02
C ILE A 70 -9.39 25.14 4.14
N ASN A 71 -9.70 25.77 5.28
CA ASN A 71 -9.37 27.20 5.57
C ASN A 71 -7.85 27.39 5.54
N ALA A 72 -7.08 26.45 6.10
CA ALA A 72 -5.59 26.46 6.11
C ALA A 72 -5.08 26.34 4.67
N LEU A 73 -5.58 25.35 3.93
CA LEU A 73 -5.24 25.11 2.49
C LEU A 73 -5.55 26.36 1.66
N ARG A 74 -6.68 27.03 1.94
CA ARG A 74 -7.15 28.24 1.18
C ARG A 74 -6.07 29.31 1.18
N ARG A 75 -5.51 29.64 2.35
CA ARG A 75 -4.65 30.84 2.56
C ARG A 75 -3.26 30.68 1.93
N CYS A 76 -2.90 29.50 1.40
CA CYS A 76 -1.56 29.21 0.81
C CYS A 76 -1.66 28.55 -0.57
N PHE A 77 -2.84 28.53 -1.22
CA PHE A 77 -3.04 27.92 -2.57
C PHE A 77 -4.08 28.65 -3.43
N PHE A 78 -5.01 29.44 -2.85
CA PHE A 78 -6.27 29.90 -3.50
C PHE A 78 -5.98 30.85 -4.68
N TRP A 79 -5.03 31.79 -4.51
CA TRP A 79 -4.71 32.80 -5.56
C TRP A 79 -4.07 32.10 -6.77
N ARG A 80 -3.07 31.24 -6.54
CA ARG A 80 -2.41 30.44 -7.60
C ARG A 80 -3.42 29.45 -8.21
N PHE A 81 -4.38 28.94 -7.43
CA PHE A 81 -5.49 28.08 -7.91
C PHE A 81 -6.37 28.88 -8.88
N MET A 82 -6.92 30.01 -8.43
CA MET A 82 -7.87 30.86 -9.20
C MET A 82 -7.18 31.55 -10.39
N PHE A 83 -5.86 31.77 -10.30
CA PHE A 83 -5.03 32.41 -11.36
C PHE A 83 -5.06 31.57 -12.65
N TYR A 84 -4.96 30.24 -12.53
CA TYR A 84 -5.00 29.28 -13.66
C TYR A 84 -6.45 29.07 -14.15
N GLY A 85 -7.43 29.18 -13.23
CA GLY A 85 -8.86 28.98 -13.52
C GLY A 85 -9.39 29.91 -14.59
N ILE A 86 -9.01 31.19 -14.55
CA ILE A 86 -9.50 32.24 -15.51
C ILE A 86 -8.95 31.94 -16.91
N PHE A 87 -7.74 31.37 -17.02
CA PHE A 87 -7.14 30.93 -18.31
C PHE A 87 -7.86 29.67 -18.80
N LEU A 88 -8.08 28.71 -17.91
CA LEU A 88 -8.82 27.44 -18.20
C LEU A 88 -10.25 27.76 -18.64
N TYR A 89 -10.85 28.83 -18.11
CA TYR A 89 -12.20 29.33 -18.50
C TYR A 89 -12.16 29.81 -19.95
N LEU A 90 -11.24 30.74 -20.27
CA LEU A 90 -11.08 31.35 -21.62
C LEU A 90 -10.70 30.28 -22.64
N GLY A 91 -9.87 29.31 -22.25
CA GLY A 91 -9.49 28.13 -23.06
C GLY A 91 -10.68 27.24 -23.39
N GLU A 92 -11.69 27.19 -22.50
CA GLU A 92 -12.94 26.40 -22.66
C GLU A 92 -13.97 27.22 -23.47
N VAL A 93 -14.07 28.53 -23.20
CA VAL A 93 -15.00 29.49 -23.90
C VAL A 93 -14.77 29.41 -25.42
N THR A 94 -13.50 29.36 -25.84
CA THR A 94 -13.08 29.40 -27.28
C THR A 94 -13.51 28.12 -28.02
N LYS A 95 -13.82 27.03 -27.32
CA LYS A 95 -14.39 25.80 -27.94
C LYS A 95 -15.83 26.04 -28.39
N ALA A 96 -16.56 26.94 -27.73
CA ALA A 96 -18.00 27.22 -27.94
C ALA A 96 -18.22 28.15 -29.16
N VAL A 97 -17.20 28.92 -29.56
CA VAL A 97 -17.29 29.92 -30.67
C VAL A 97 -16.74 29.31 -31.98
N GLN A 98 -16.18 28.10 -31.95
CA GLN A 98 -15.62 27.40 -33.15
C GLN A 98 -16.71 27.09 -34.16
N PRO A 99 -17.91 26.60 -33.75
CA PRO A 99 -19.00 26.33 -34.71
C PRO A 99 -19.41 27.51 -35.59
N LEU A 100 -19.36 28.74 -35.07
CA LEU A 100 -19.72 29.99 -35.80
C LEU A 100 -18.79 30.18 -37.00
N LEU A 101 -17.47 30.19 -36.77
CA LEU A 101 -16.42 30.45 -37.79
C LEU A 101 -16.37 29.29 -38.79
N LEU A 102 -16.17 28.06 -38.29
CA LEU A 102 -16.08 26.82 -39.11
C LEU A 102 -17.38 26.60 -39.88
N GLY A 103 -18.53 26.72 -39.22
CA GLY A 103 -19.87 26.54 -39.81
C GLY A 103 -20.08 27.38 -41.06
N ARG A 104 -19.58 28.62 -41.07
CA ARG A 104 -19.65 29.55 -42.23
C ARG A 104 -18.70 29.03 -43.32
N ILE A 105 -17.45 28.73 -42.98
CA ILE A 105 -16.41 28.20 -43.92
C ILE A 105 -16.94 26.92 -44.61
N ILE A 106 -17.68 26.07 -43.87
CA ILE A 106 -18.38 24.88 -44.43
C ILE A 106 -19.43 25.37 -45.44
N ALA A 107 -20.24 26.37 -45.05
CA ALA A 107 -21.34 26.92 -45.87
C ALA A 107 -20.81 27.65 -47.12
N SER A 108 -19.54 28.09 -47.12
CA SER A 108 -18.90 28.88 -48.20
C SER A 108 -18.58 28.00 -49.43
N TYR A 109 -18.75 26.67 -49.34
CA TYR A 109 -18.59 25.74 -50.48
C TYR A 109 -19.87 25.71 -51.33
N ASP A 110 -20.97 26.34 -50.86
CA ASP A 110 -22.32 26.31 -51.51
C ASP A 110 -22.29 27.10 -52.81
N PRO A 111 -22.68 26.50 -53.97
CA PRO A 111 -22.81 27.23 -55.24
C PRO A 111 -23.68 28.49 -55.22
N ASP A 112 -24.81 28.46 -54.49
CA ASP A 112 -25.71 29.64 -54.35
C ASP A 112 -24.88 30.80 -53.76
N ASN A 113 -24.84 31.93 -54.47
CA ASN A 113 -23.86 33.03 -54.27
C ASN A 113 -24.22 33.78 -52.98
N LYS A 114 -23.84 33.22 -51.83
CA LYS A 114 -24.01 33.84 -50.48
C LYS A 114 -22.93 34.90 -50.27
N GLU A 115 -23.05 35.70 -49.21
CA GLU A 115 -22.02 36.68 -48.77
C GLU A 115 -20.78 35.93 -48.26
N GLU A 116 -20.94 34.71 -47.74
CA GLU A 116 -19.86 33.84 -47.17
C GLU A 116 -18.60 33.89 -48.03
N ARG A 117 -18.75 33.68 -49.35
CA ARG A 117 -17.64 33.67 -50.35
C ARG A 117 -16.77 34.92 -50.23
N SER A 118 -17.34 36.05 -49.80
CA SER A 118 -16.60 37.30 -49.50
C SER A 118 -15.72 37.09 -48.25
N ILE A 119 -16.32 36.67 -47.13
CA ILE A 119 -15.67 36.68 -45.77
C ILE A 119 -14.77 35.44 -45.58
N ALA A 120 -14.95 34.40 -46.40
CA ALA A 120 -14.35 33.04 -46.24
C ALA A 120 -12.88 33.12 -45.80
N ILE A 121 -12.07 33.96 -46.46
CA ILE A 121 -10.61 34.08 -46.22
C ILE A 121 -10.35 34.69 -44.83
N TYR A 122 -11.13 35.69 -44.41
CA TYR A 122 -11.00 36.37 -43.09
C TYR A 122 -11.31 35.38 -41.96
N LEU A 123 -12.39 34.60 -42.13
CA LEU A 123 -12.73 33.45 -41.25
C LEU A 123 -11.58 32.44 -41.29
N GLY A 124 -11.03 32.18 -42.48
CA GLY A 124 -9.81 31.35 -42.69
C GLY A 124 -8.64 31.80 -41.83
N ILE A 125 -8.38 33.12 -41.78
CA ILE A 125 -7.30 33.73 -40.95
C ILE A 125 -7.68 33.61 -39.47
N GLY A 126 -8.88 34.07 -39.11
CA GLY A 126 -9.36 34.13 -37.70
C GLY A 126 -9.41 32.76 -37.03
N LEU A 127 -9.95 31.76 -37.72
CA LEU A 127 -10.15 30.37 -37.22
C LEU A 127 -8.78 29.72 -36.95
N CYS A 128 -7.75 30.01 -37.76
CA CYS A 128 -6.35 29.54 -37.55
C CYS A 128 -5.78 30.14 -36.25
N LEU A 129 -6.03 31.44 -36.03
CA LEU A 129 -5.64 32.18 -34.79
C LEU A 129 -6.44 31.66 -33.58
N LEU A 130 -7.69 31.22 -33.81
CA LEU A 130 -8.60 30.66 -32.77
C LEU A 130 -8.00 29.38 -32.19
N PHE A 131 -7.42 28.51 -33.03
CA PHE A 131 -6.78 27.22 -32.62
C PHE A 131 -5.47 27.50 -31.88
N ILE A 132 -4.61 28.34 -32.44
CA ILE A 132 -3.24 28.64 -31.94
C ILE A 132 -3.33 29.15 -30.49
N VAL A 133 -4.30 30.02 -30.18
CA VAL A 133 -4.46 30.63 -28.83
C VAL A 133 -4.91 29.56 -27.82
N ARG A 134 -5.87 28.69 -28.18
CA ARG A 134 -6.44 27.65 -27.27
C ARG A 134 -5.33 26.68 -26.86
N THR A 135 -4.61 26.11 -27.83
CA THR A 135 -3.48 25.15 -27.65
C THR A 135 -2.49 25.69 -26.61
N LEU A 136 -2.20 26.99 -26.65
CA LEU A 136 -1.26 27.68 -25.72
C LEU A 136 -1.96 28.08 -24.41
N LEU A 137 -3.29 28.19 -24.40
CA LEU A 137 -4.09 28.73 -23.27
C LEU A 137 -4.55 27.62 -22.32
N LEU A 138 -4.88 26.42 -22.84
CA LEU A 138 -5.40 25.28 -22.03
C LEU A 138 -4.28 24.64 -21.21
N HIS A 139 -3.30 24.01 -21.90
CA HIS A 139 -2.36 23.01 -21.35
C HIS A 139 -1.57 23.56 -20.16
N PRO A 140 -0.95 24.76 -20.23
CA PRO A 140 -0.25 25.34 -19.08
C PRO A 140 -1.08 25.42 -17.78
N ALA A 141 -2.36 25.79 -17.88
CA ALA A 141 -3.31 25.87 -16.74
C ALA A 141 -3.49 24.48 -16.11
N ILE A 142 -3.63 23.43 -16.93
CA ILE A 142 -3.86 22.02 -16.47
C ILE A 142 -2.62 21.58 -15.68
N PHE A 143 -1.42 21.75 -16.25
CA PHE A 143 -0.12 21.41 -15.61
C PHE A 143 0.05 22.25 -14.34
N GLY A 144 -0.23 23.56 -14.43
CA GLY A 144 -0.29 24.48 -13.28
C GLY A 144 -1.14 23.93 -12.15
N LEU A 145 -2.35 23.44 -12.48
CA LEU A 145 -3.33 22.90 -11.50
C LEU A 145 -2.86 21.55 -10.95
N HIS A 146 -2.32 20.66 -11.80
CA HIS A 146 -1.70 19.38 -11.39
C HIS A 146 -0.56 19.65 -10.39
N HIS A 147 0.27 20.65 -10.69
CA HIS A 147 1.47 21.05 -9.88
C HIS A 147 1.03 21.53 -8.49
N ILE A 148 -0.09 22.27 -8.39
CA ILE A 148 -0.68 22.74 -7.10
C ILE A 148 -1.19 21.51 -6.32
N GLY A 149 -1.97 20.65 -6.97
CA GLY A 149 -2.57 19.42 -6.39
C GLY A 149 -1.51 18.51 -5.78
N MET A 150 -0.35 18.40 -6.42
CA MET A 150 0.81 17.60 -5.95
C MET A 150 1.36 18.21 -4.66
N GLN A 151 1.49 19.53 -4.58
CA GLN A 151 2.00 20.27 -3.40
C GLN A 151 1.03 20.09 -2.22
N MET A 152 -0.27 20.20 -2.47
CA MET A 152 -1.35 20.01 -1.45
C MET A 152 -1.20 18.63 -0.80
N ARG A 153 -1.08 17.57 -1.61
CA ARG A 153 -1.02 16.15 -1.17
C ARG A 153 0.23 15.94 -0.30
N ILE A 154 1.40 16.41 -0.76
CA ILE A 154 2.71 16.27 -0.06
C ILE A 154 2.64 16.96 1.31
N ALA A 155 2.01 18.14 1.39
CA ALA A 155 1.90 18.97 2.61
C ALA A 155 1.11 18.21 3.70
N MET A 156 -0.01 17.58 3.32
CA MET A 156 -0.91 16.84 4.25
C MET A 156 -0.23 15.53 4.70
N PHE A 157 0.26 14.73 3.75
CA PHE A 157 0.98 13.45 3.96
C PHE A 157 2.02 13.61 5.07
N SER A 158 2.79 14.70 5.03
CA SER A 158 3.83 15.04 6.03
C SER A 158 3.22 15.39 7.39
N LEU A 159 2.10 16.12 7.40
CA LEU A 159 1.39 16.51 8.66
C LEU A 159 0.74 15.28 9.30
N ILE A 160 0.34 14.28 8.52
CA ILE A 160 -0.20 12.98 9.02
C ILE A 160 0.92 12.23 9.76
N TYR A 161 2.13 12.19 9.17
CA TYR A 161 3.28 11.44 9.72
C TYR A 161 3.83 12.13 10.97
N LYS A 162 3.78 13.47 11.04
CA LYS A 162 4.14 14.24 12.26
C LYS A 162 3.11 13.94 13.35
N LYS A 163 1.82 14.02 13.00
CA LYS A 163 0.66 13.77 13.91
C LYS A 163 0.77 12.35 14.49
N THR A 164 0.96 11.33 13.64
CA THR A 164 0.88 9.90 14.02
C THR A 164 1.94 9.54 15.09
N LEU A 165 3.10 10.21 15.09
CA LEU A 165 4.21 9.94 16.06
C LEU A 165 3.84 10.49 17.45
N LYS A 166 3.02 11.54 17.54
CA LYS A 166 2.56 12.16 18.82
C LYS A 166 1.22 11.56 19.27
N LEU A 167 0.70 10.55 18.55
CA LEU A 167 -0.64 9.93 18.80
C LEU A 167 -0.59 9.14 20.12
N SER A 168 -1.69 9.13 20.88
CA SER A 168 -1.81 8.48 22.22
C SER A 168 -1.67 6.96 22.13
N SER A 169 -1.31 6.33 23.23
CA SER A 169 -1.19 4.85 23.39
C SER A 169 -2.59 4.21 23.45
N ARG A 170 -3.61 4.98 23.84
CA ARG A 170 -5.04 4.56 23.90
C ARG A 170 -5.57 4.31 22.49
N VAL A 171 -5.25 5.21 21.56
CA VAL A 171 -5.82 5.29 20.16
C VAL A 171 -5.27 4.13 19.31
N LEU A 172 -4.01 3.74 19.50
CA LEU A 172 -3.27 2.76 18.66
C LEU A 172 -4.05 1.43 18.52
N ASP A 173 -4.79 1.02 19.56
CA ASP A 173 -5.65 -0.20 19.55
C ASP A 173 -6.76 -0.03 18.50
N LYS A 174 -7.35 1.17 18.39
CA LYS A 174 -8.47 1.47 17.47
C LYS A 174 -7.94 1.54 16.03
N ILE A 175 -7.00 2.44 15.75
CA ILE A 175 -6.42 2.68 14.39
C ILE A 175 -5.35 1.62 14.12
N SER A 176 -5.64 0.68 13.20
CA SER A 176 -4.69 -0.30 12.64
C SER A 176 -3.91 0.35 11.48
N ILE A 177 -2.98 -0.39 10.87
CA ILE A 177 -2.16 0.08 9.71
C ILE A 177 -3.05 0.25 8.48
N GLY A 178 -3.99 -0.68 8.26
CA GLY A 178 -4.97 -0.67 7.16
C GLY A 178 -5.74 0.64 7.05
N GLN A 179 -5.98 1.31 8.18
CA GLN A 179 -6.61 2.67 8.24
C GLN A 179 -5.67 3.69 7.59
N LEU A 180 -4.38 3.65 7.92
CA LEU A 180 -3.37 4.64 7.44
C LEU A 180 -3.00 4.36 5.98
N VAL A 181 -2.73 3.09 5.65
CA VAL A 181 -2.25 2.64 4.31
C VAL A 181 -3.32 2.96 3.25
N SER A 182 -4.58 2.65 3.53
CA SER A 182 -5.74 2.90 2.64
C SER A 182 -5.91 4.40 2.40
N LEU A 183 -5.84 5.21 3.47
CA LEU A 183 -5.98 6.71 3.42
C LEU A 183 -4.96 7.30 2.46
N LEU A 184 -3.71 6.82 2.48
CA LEU A 184 -2.61 7.29 1.60
C LEU A 184 -2.74 6.67 0.21
N SER A 185 -2.99 5.37 0.12
CA SER A 185 -3.11 4.59 -1.15
C SER A 185 -4.30 5.11 -1.99
N ASN A 186 -5.36 5.63 -1.36
CA ASN A 186 -6.55 6.18 -2.06
C ASN A 186 -6.19 7.50 -2.74
N ASN A 187 -5.56 8.43 -2.02
CA ASN A 187 -5.36 9.85 -2.43
C ASN A 187 -4.10 10.04 -3.29
N LEU A 188 -3.28 8.99 -3.49
CA LEU A 188 -1.88 9.12 -3.96
C LEU A 188 -1.81 9.73 -5.36
N ASN A 189 -2.52 9.15 -6.33
CA ASN A 189 -2.59 9.64 -7.74
C ASN A 189 -3.94 10.32 -8.01
N LYS A 190 -5.00 9.97 -7.26
CA LYS A 190 -6.40 10.44 -7.48
C LYS A 190 -6.52 11.95 -7.19
N PHE A 191 -5.92 12.42 -6.10
CA PHE A 191 -6.05 13.81 -5.60
C PHE A 191 -5.36 14.80 -6.54
N ASP A 192 -4.15 14.45 -7.02
CA ASP A 192 -3.26 15.34 -7.82
C ASP A 192 -3.92 15.71 -9.15
N GLU A 193 -4.36 14.70 -9.91
CA GLU A 193 -4.97 14.85 -11.27
C GLU A 193 -6.37 15.49 -11.15
N GLY A 194 -7.01 15.43 -9.98
CA GLY A 194 -8.37 15.92 -9.72
C GLY A 194 -8.55 17.41 -9.99
N LEU A 195 -7.61 18.25 -9.54
CA LEU A 195 -7.75 19.74 -9.51
C LEU A 195 -7.82 20.34 -10.92
N ALA A 196 -7.50 19.58 -11.96
CA ALA A 196 -7.81 19.94 -13.38
C ALA A 196 -9.34 20.01 -13.57
N LEU A 197 -10.05 18.97 -13.14
CA LEU A 197 -11.52 18.81 -13.33
C LEU A 197 -12.30 19.72 -12.34
N ALA A 198 -11.67 20.16 -11.25
CA ALA A 198 -12.31 20.84 -10.10
C ALA A 198 -13.07 22.11 -10.56
N HIS A 199 -12.44 22.96 -11.38
CA HIS A 199 -12.97 24.29 -11.78
C HIS A 199 -14.28 24.18 -12.57
N PHE A 200 -14.47 23.10 -13.34
CA PHE A 200 -15.60 22.95 -14.31
C PHE A 200 -16.97 22.98 -13.61
N VAL A 201 -17.00 23.03 -12.27
CA VAL A 201 -18.21 23.38 -11.45
C VAL A 201 -18.79 24.72 -11.92
N TRP A 202 -17.96 25.76 -12.05
CA TRP A 202 -18.39 27.14 -12.42
C TRP A 202 -18.08 27.45 -13.89
N ILE A 203 -17.28 26.65 -14.59
CA ILE A 203 -17.00 26.82 -16.06
C ILE A 203 -18.25 26.38 -16.83
N ALA A 204 -18.81 25.21 -16.48
CA ALA A 204 -19.89 24.52 -17.24
C ALA A 204 -21.16 25.37 -17.29
N PRO A 205 -21.67 25.95 -16.16
CA PRO A 205 -22.88 26.78 -16.20
C PRO A 205 -22.79 27.97 -17.17
N LEU A 206 -21.69 28.73 -17.10
CA LEU A 206 -21.41 29.90 -17.98
C LEU A 206 -21.25 29.42 -19.44
N GLN A 207 -20.72 28.20 -19.65
CA GLN A 207 -20.57 27.57 -20.98
C GLN A 207 -21.95 27.22 -21.54
N VAL A 208 -22.80 26.56 -20.73
CA VAL A 208 -24.23 26.26 -21.05
C VAL A 208 -24.93 27.58 -21.38
N ALA A 209 -24.81 28.58 -20.49
CA ALA A 209 -25.41 29.93 -20.62
C ALA A 209 -24.95 30.60 -21.92
N LEU A 210 -23.66 30.55 -22.24
CA LEU A 210 -23.07 31.12 -23.49
C LEU A 210 -23.61 30.37 -24.71
N LEU A 211 -23.52 29.04 -24.70
CA LEU A 211 -23.93 28.15 -25.84
C LEU A 211 -25.43 28.29 -26.13
N MET A 212 -26.26 28.33 -25.08
CA MET A 212 -27.75 28.34 -25.19
C MET A 212 -28.22 29.56 -25.99
N GLY A 213 -27.58 30.73 -25.82
CA GLY A 213 -27.84 31.95 -26.59
C GLY A 213 -27.53 31.76 -28.07
N LEU A 214 -26.34 31.22 -28.38
CA LEU A 214 -25.87 30.95 -29.77
C LEU A 214 -26.82 29.97 -30.47
N ILE A 215 -27.38 29.00 -29.74
CA ILE A 215 -28.43 28.06 -30.26
C ILE A 215 -29.74 28.84 -30.40
N TRP A 216 -30.10 29.65 -29.39
CA TRP A 216 -31.34 30.48 -29.36
C TRP A 216 -31.38 31.45 -30.56
N GLU A 217 -30.20 31.87 -31.03
CA GLU A 217 -30.05 32.65 -32.30
C GLU A 217 -30.66 31.85 -33.46
N LEU A 218 -30.37 30.55 -33.55
CA LEU A 218 -30.85 29.66 -34.65
C LEU A 218 -32.30 29.23 -34.38
N LEU A 219 -32.54 28.56 -33.25
CA LEU A 219 -33.86 27.95 -32.90
C LEU A 219 -34.45 28.66 -31.68
N GLN A 220 -35.55 29.41 -31.88
CA GLN A 220 -36.10 30.39 -30.90
C GLN A 220 -36.81 29.65 -29.75
N ALA A 221 -37.76 28.77 -30.08
CA ALA A 221 -38.66 28.08 -29.11
C ALA A 221 -38.01 26.79 -28.60
N SER A 222 -37.52 25.95 -29.51
CA SER A 222 -37.22 24.51 -29.27
C SER A 222 -35.96 24.32 -28.42
N ALA A 223 -34.96 25.21 -28.51
CA ALA A 223 -33.67 25.14 -27.79
C ALA A 223 -33.90 24.80 -26.30
N PHE A 224 -34.83 25.54 -25.67
CA PHE A 224 -35.24 25.36 -24.25
C PHE A 224 -35.86 23.97 -24.04
N CYS A 225 -36.69 23.50 -24.99
CA CYS A 225 -37.29 22.14 -24.99
C CYS A 225 -36.19 21.07 -25.10
N GLY A 226 -35.12 21.37 -25.83
CA GLY A 226 -33.88 20.57 -25.86
C GLY A 226 -33.21 20.56 -24.50
N LEU A 227 -32.77 21.73 -24.03
CA LEU A 227 -32.07 21.90 -22.71
C LEU A 227 -32.78 21.10 -21.61
N GLY A 228 -34.11 21.17 -21.56
CA GLY A 228 -34.98 20.42 -20.62
C GLY A 228 -34.58 18.96 -20.50
N PHE A 229 -34.37 18.30 -21.64
CA PHE A 229 -33.94 16.87 -21.73
C PHE A 229 -32.61 16.69 -21.00
N LEU A 230 -31.69 17.67 -21.13
CA LEU A 230 -30.35 17.64 -20.47
C LEU A 230 -30.47 18.01 -18.99
N ILE A 231 -31.43 18.84 -18.60
CA ILE A 231 -31.74 19.17 -17.17
C ILE A 231 -32.31 17.91 -16.49
N VAL A 232 -33.20 17.17 -17.18
CA VAL A 232 -33.73 15.85 -16.70
C VAL A 232 -32.56 14.88 -16.53
N LEU A 233 -31.66 14.81 -17.52
CA LEU A 233 -30.54 13.83 -17.59
C LEU A 233 -29.44 14.19 -16.57
N ALA A 234 -29.19 15.48 -16.33
CA ALA A 234 -28.17 15.99 -15.37
C ALA A 234 -28.52 15.54 -13.93
N LEU A 235 -29.81 15.58 -13.58
CA LEU A 235 -30.33 15.16 -12.24
C LEU A 235 -30.20 13.63 -12.08
N PHE A 236 -30.42 12.87 -13.16
CA PHE A 236 -30.25 11.39 -13.20
C PHE A 236 -28.80 11.04 -12.84
N GLN A 237 -27.83 11.74 -13.43
CA GLN A 237 -26.36 11.57 -13.18
C GLN A 237 -26.03 11.95 -11.73
N ALA A 238 -26.64 13.02 -11.21
CA ALA A 238 -26.52 13.48 -9.80
C ALA A 238 -27.10 12.40 -8.87
N GLY A 239 -28.19 11.74 -9.28
CA GLY A 239 -28.77 10.57 -8.60
C GLY A 239 -27.79 9.41 -8.53
N LEU A 240 -27.20 9.03 -9.67
CA LEU A 240 -26.18 7.95 -9.78
C LEU A 240 -24.95 8.31 -8.95
N GLY A 241 -24.54 9.59 -8.95
CA GLY A 241 -23.38 10.12 -8.21
C GLY A 241 -23.49 9.86 -6.71
N ARG A 242 -24.66 10.16 -6.11
CA ARG A 242 -24.94 9.96 -4.66
C ARG A 242 -25.06 8.46 -4.36
N MET A 243 -25.66 7.69 -5.28
CA MET A 243 -25.87 6.23 -5.16
C MET A 243 -24.53 5.49 -5.15
N MET A 244 -23.63 5.87 -6.07
CA MET A 244 -22.28 5.27 -6.27
C MET A 244 -21.40 5.49 -5.01
N MET A 245 -21.46 6.67 -4.41
CA MET A 245 -20.65 7.06 -3.23
C MET A 245 -21.05 6.23 -2.00
N LYS A 246 -22.32 5.81 -1.89
CA LYS A 246 -22.85 5.04 -0.73
C LYS A 246 -22.29 3.60 -0.75
N TYR A 247 -22.11 3.02 -1.95
CA TYR A 247 -21.50 1.68 -2.17
C TYR A 247 -20.01 1.69 -1.83
N ARG A 248 -19.34 2.84 -1.98
CA ARG A 248 -17.88 3.00 -1.79
C ARG A 248 -17.54 3.05 -0.29
N ASP A 249 -18.45 3.55 0.56
CA ASP A 249 -18.26 3.71 2.02
C ASP A 249 -18.46 2.36 2.72
N GLN A 250 -19.39 1.53 2.24
CA GLN A 250 -19.65 0.15 2.76
C GLN A 250 -18.43 -0.75 2.48
N ARG A 251 -17.75 -0.54 1.35
CA ARG A 251 -16.57 -1.33 0.89
C ARG A 251 -15.32 -0.91 1.66
N ALA A 252 -15.14 0.40 1.90
CA ALA A 252 -13.93 1.02 2.51
C ALA A 252 -13.56 0.34 3.83
N GLY A 253 -14.56 -0.08 4.63
CA GLY A 253 -14.37 -0.81 5.89
C GLY A 253 -13.73 -2.18 5.68
N LYS A 254 -14.04 -2.85 4.57
CA LYS A 254 -13.63 -4.24 4.27
C LYS A 254 -12.18 -4.28 3.77
N ILE A 255 -11.76 -3.30 2.98
CA ILE A 255 -10.38 -3.19 2.39
C ILE A 255 -9.37 -3.07 3.53
N SER A 256 -9.64 -2.19 4.51
CA SER A 256 -8.80 -1.95 5.71
C SER A 256 -8.57 -3.26 6.50
N GLU A 257 -9.59 -4.11 6.60
CA GLU A 257 -9.56 -5.40 7.33
C GLU A 257 -8.73 -6.44 6.55
N ARG A 258 -8.77 -6.42 5.22
CA ARG A 258 -8.03 -7.39 4.35
C ARG A 258 -6.52 -7.14 4.46
N LEU A 259 -6.11 -5.87 4.45
CA LEU A 259 -4.67 -5.46 4.43
C LEU A 259 -3.96 -5.87 5.72
N VAL A 260 -4.61 -5.76 6.88
CA VAL A 260 -4.02 -6.14 8.21
C VAL A 260 -3.85 -7.66 8.27
N ILE A 261 -4.77 -8.44 7.67
CA ILE A 261 -4.68 -9.92 7.60
C ILE A 261 -3.58 -10.29 6.60
N THR A 262 -3.60 -9.69 5.40
CA THR A 262 -2.62 -9.95 4.30
C THR A 262 -1.19 -9.59 4.76
N SER A 263 -1.03 -8.47 5.48
CA SER A 263 0.28 -8.02 6.03
C SER A 263 0.80 -9.06 7.02
N GLU A 264 0.03 -9.33 8.08
CA GLU A 264 0.40 -10.19 9.24
C GLU A 264 0.91 -11.57 8.77
N MET A 265 0.19 -12.24 7.85
CA MET A 265 0.49 -13.62 7.42
C MET A 265 1.80 -13.66 6.62
N ILE A 266 2.03 -12.68 5.74
CA ILE A 266 3.26 -12.59 4.88
C ILE A 266 4.44 -12.11 5.75
N GLU A 267 4.18 -11.26 6.74
CA GLU A 267 5.22 -10.72 7.67
C GLU A 267 5.94 -11.88 8.38
N ASN A 268 5.20 -12.93 8.79
CA ASN A 268 5.75 -14.14 9.47
C ASN A 268 5.20 -15.39 8.78
N ILE A 269 5.47 -15.54 7.47
CA ILE A 269 5.03 -16.69 6.63
C ILE A 269 5.73 -17.98 7.11
N GLN A 270 6.95 -17.88 7.64
CA GLN A 270 7.78 -19.04 8.09
C GLN A 270 6.98 -19.89 9.08
N SER A 271 6.15 -19.29 9.93
CA SER A 271 5.20 -19.98 10.85
C SER A 271 4.01 -20.53 10.07
N VAL A 272 3.46 -19.76 9.12
CA VAL A 272 2.28 -20.14 8.29
C VAL A 272 2.61 -21.44 7.52
N LYS A 273 3.82 -21.56 6.98
CA LYS A 273 4.31 -22.76 6.24
C LYS A 273 4.52 -23.94 7.20
N ALA A 274 5.03 -23.68 8.40
CA ALA A 274 5.35 -24.70 9.43
C ALA A 274 4.06 -25.40 9.92
N TYR A 275 3.01 -24.62 10.22
CA TYR A 275 1.69 -25.13 10.68
C TYR A 275 0.87 -25.69 9.50
N CYS A 276 1.22 -25.32 8.26
CA CYS A 276 0.50 -25.68 7.00
C CYS A 276 -0.87 -24.99 6.96
N TRP A 277 -0.87 -23.64 6.99
CA TRP A 277 -2.07 -22.79 6.88
C TRP A 277 -2.07 -22.07 5.52
N GLU A 278 -2.17 -22.82 4.43
CA GLU A 278 -2.32 -22.25 3.04
C GLU A 278 -3.81 -22.18 2.72
N GLU A 279 -4.50 -23.33 2.80
CA GLU A 279 -5.96 -23.46 2.58
C GLU A 279 -6.72 -22.55 3.56
N ALA A 280 -6.26 -22.49 4.82
CA ALA A 280 -6.87 -21.70 5.93
C ALA A 280 -6.83 -20.21 5.58
N MET A 281 -5.65 -19.67 5.29
CA MET A 281 -5.40 -18.22 5.02
C MET A 281 -6.08 -17.80 3.71
N GLU A 282 -6.01 -18.64 2.67
CA GLU A 282 -6.63 -18.36 1.33
C GLU A 282 -8.15 -18.24 1.47
N LYS A 283 -8.79 -19.20 2.16
CA LYS A 283 -10.26 -19.21 2.40
C LYS A 283 -10.68 -17.98 3.21
N MET A 284 -9.85 -17.55 4.17
CA MET A 284 -10.14 -16.39 5.06
C MET A 284 -10.11 -15.09 4.25
N ILE A 285 -9.10 -14.91 3.40
CA ILE A 285 -8.94 -13.74 2.49
C ILE A 285 -10.03 -13.79 1.41
N GLU A 286 -10.37 -14.98 0.90
CA GLU A 286 -11.42 -15.22 -0.13
C GLU A 286 -12.77 -14.67 0.36
N ASN A 287 -13.13 -14.94 1.63
CA ASN A 287 -14.43 -14.57 2.25
C ASN A 287 -14.57 -13.05 2.37
N LEU A 288 -13.45 -12.33 2.57
CA LEU A 288 -13.43 -10.84 2.68
C LEU A 288 -13.64 -10.19 1.30
N ARG A 289 -13.22 -10.87 0.22
CA ARG A 289 -13.34 -10.36 -1.18
C ARG A 289 -14.78 -10.52 -1.69
N GLN A 290 -15.55 -11.49 -1.17
CA GLN A 290 -16.97 -11.73 -1.51
C GLN A 290 -17.78 -10.45 -1.31
N THR A 291 -17.73 -9.89 -0.10
CA THR A 291 -18.42 -8.64 0.31
C THR A 291 -17.90 -7.44 -0.51
N GLU A 292 -16.58 -7.37 -0.70
CA GLU A 292 -15.87 -6.27 -1.41
C GLU A 292 -16.33 -6.21 -2.87
N LEU A 293 -16.22 -7.33 -3.59
CA LEU A 293 -16.49 -7.41 -5.06
C LEU A 293 -17.99 -7.24 -5.35
N LYS A 294 -18.87 -7.71 -4.46
CA LYS A 294 -20.34 -7.44 -4.52
C LYS A 294 -20.57 -5.92 -4.58
N LEU A 295 -19.95 -5.17 -3.68
CA LEU A 295 -20.09 -3.69 -3.58
C LEU A 295 -19.30 -3.00 -4.69
N THR A 296 -18.23 -3.62 -5.22
CA THR A 296 -17.48 -3.13 -6.42
C THR A 296 -18.37 -3.24 -7.66
N ARG A 297 -19.05 -4.38 -7.85
CA ARG A 297 -19.91 -4.65 -9.03
C ARG A 297 -21.08 -3.65 -9.08
N LYS A 298 -21.79 -3.48 -7.95
CA LYS A 298 -22.94 -2.55 -7.82
C LYS A 298 -22.47 -1.11 -8.09
N ALA A 299 -21.29 -0.72 -7.59
CA ALA A 299 -20.63 0.58 -7.85
C ALA A 299 -20.26 0.70 -9.33
N ALA A 300 -19.83 -0.40 -9.96
CA ALA A 300 -19.38 -0.46 -11.38
C ALA A 300 -20.59 -0.33 -12.34
N TYR A 301 -21.71 -1.02 -12.06
CA TYR A 301 -22.94 -0.99 -12.89
C TYR A 301 -23.53 0.43 -12.95
N VAL A 302 -23.54 1.11 -11.80
CA VAL A 302 -24.02 2.53 -11.64
C VAL A 302 -23.15 3.46 -12.49
N ARG A 303 -21.82 3.31 -12.43
CA ARG A 303 -20.84 4.23 -13.07
C ARG A 303 -20.92 4.10 -14.59
N TYR A 304 -21.25 2.91 -15.11
CA TYR A 304 -21.49 2.66 -16.56
C TYR A 304 -22.56 3.64 -17.09
N PHE A 305 -23.68 3.78 -16.38
CA PHE A 305 -24.81 4.66 -16.77
C PHE A 305 -24.38 6.13 -16.68
N ASN A 306 -23.50 6.47 -15.74
CA ASN A 306 -22.91 7.83 -15.58
C ASN A 306 -22.01 8.13 -16.79
N SER A 307 -21.10 7.20 -17.13
CA SER A 307 -20.15 7.29 -18.27
C SER A 307 -20.90 7.33 -19.61
N SER A 308 -21.83 6.40 -19.82
CA SER A 308 -22.54 6.13 -21.10
C SER A 308 -23.56 7.23 -21.42
N ALA A 309 -23.96 8.04 -20.42
CA ALA A 309 -24.97 9.11 -20.53
C ALA A 309 -24.67 10.03 -21.73
N PHE A 310 -23.40 10.43 -21.91
CA PHE A 310 -22.93 11.36 -22.97
C PHE A 310 -23.28 10.84 -24.36
N PHE A 311 -22.97 9.58 -24.64
CA PHE A 311 -23.05 8.95 -25.99
C PHE A 311 -24.51 8.80 -26.41
N PHE A 312 -25.40 8.40 -25.49
CA PHE A 312 -26.85 8.15 -25.75
C PHE A 312 -27.59 9.48 -25.94
N SER A 313 -27.26 10.50 -25.14
CA SER A 313 -27.84 11.87 -25.16
C SER A 313 -27.80 12.44 -26.58
N GLY A 314 -26.63 12.36 -27.23
CA GLY A 314 -26.30 12.94 -28.56
C GLY A 314 -27.48 13.09 -29.49
N PHE A 315 -28.13 11.97 -29.84
CA PHE A 315 -29.23 11.91 -30.84
C PHE A 315 -30.47 12.64 -30.30
N PHE A 316 -30.82 12.42 -29.03
CA PHE A 316 -32.11 12.84 -28.42
C PHE A 316 -32.12 14.36 -28.18
N VAL A 317 -30.98 14.96 -27.82
CA VAL A 317 -30.82 16.43 -27.60
C VAL A 317 -31.12 17.17 -28.90
N VAL A 318 -30.63 16.66 -30.03
CA VAL A 318 -30.76 17.28 -31.38
C VAL A 318 -32.19 17.01 -31.91
N PHE A 319 -32.67 15.77 -31.79
CA PHE A 319 -33.98 15.29 -32.30
C PHE A 319 -35.11 16.15 -31.73
N LEU A 320 -35.15 16.30 -30.39
CA LEU A 320 -36.18 17.09 -29.67
C LEU A 320 -36.02 18.60 -29.95
N SER A 321 -34.84 19.04 -30.43
CA SER A 321 -34.52 20.46 -30.75
C SER A 321 -34.95 20.81 -32.18
N VAL A 322 -34.69 19.91 -33.16
CA VAL A 322 -34.99 20.17 -34.60
C VAL A 322 -36.48 19.92 -34.88
N LEU A 323 -37.07 18.89 -34.27
CA LEU A 323 -38.43 18.36 -34.61
C LEU A 323 -39.48 19.47 -34.49
N PRO A 324 -39.57 20.25 -33.38
CA PRO A 324 -40.60 21.27 -33.25
C PRO A 324 -40.48 22.39 -34.31
N TYR A 325 -39.26 22.87 -34.54
CA TYR A 325 -38.92 23.91 -35.54
C TYR A 325 -39.24 23.39 -36.95
N ALA A 326 -38.93 22.11 -37.22
CA ALA A 326 -39.16 21.44 -38.51
C ALA A 326 -40.64 21.49 -38.88
N LEU A 327 -41.54 21.12 -37.96
CA LEU A 327 -43.01 21.00 -38.19
C LEU A 327 -43.59 22.37 -38.60
N ILE A 328 -43.34 23.39 -37.77
CA ILE A 328 -44.03 24.72 -37.86
C ILE A 328 -43.50 25.53 -39.06
N LYS A 329 -42.17 25.62 -39.25
CA LYS A 329 -41.52 26.52 -40.25
C LYS A 329 -40.98 25.68 -41.42
N GLY A 330 -40.10 24.71 -41.13
CA GLY A 330 -39.32 23.97 -42.13
C GLY A 330 -37.86 24.35 -42.08
N ILE A 331 -36.95 23.37 -42.19
CA ILE A 331 -35.52 23.48 -41.80
C ILE A 331 -34.63 23.33 -43.05
N ILE A 332 -33.44 23.94 -43.01
CA ILE A 332 -32.33 23.77 -44.00
C ILE A 332 -31.22 22.94 -43.33
N LEU A 333 -30.55 22.08 -44.09
CA LEU A 333 -29.50 21.14 -43.60
C LEU A 333 -28.45 21.92 -42.78
N ARG A 334 -27.99 23.05 -43.33
CA ARG A 334 -27.06 24.01 -42.66
C ARG A 334 -27.52 24.23 -41.21
N LYS A 335 -28.82 24.49 -40.99
CA LYS A 335 -29.40 24.76 -39.65
C LYS A 335 -29.25 23.51 -38.77
N ILE A 336 -29.44 22.31 -39.34
CA ILE A 336 -29.31 21.02 -38.60
C ILE A 336 -27.84 20.81 -38.21
N PHE A 337 -26.91 21.00 -39.15
CA PHE A 337 -25.46 20.73 -38.94
C PHE A 337 -24.88 21.70 -37.89
N THR A 338 -25.35 22.94 -37.83
CA THR A 338 -24.85 24.00 -36.91
C THR A 338 -25.28 23.67 -35.48
N THR A 339 -26.53 23.24 -35.27
CA THR A 339 -27.10 22.81 -33.97
C THR A 339 -26.31 21.62 -33.41
N ILE A 340 -26.06 20.62 -34.26
CA ILE A 340 -25.22 19.41 -33.98
C ILE A 340 -23.90 19.86 -33.36
N SER A 341 -23.21 20.82 -33.99
CA SER A 341 -21.86 21.31 -33.61
C SER A 341 -21.90 22.01 -32.25
N PHE A 342 -22.97 22.77 -31.95
CA PHE A 342 -23.21 23.40 -30.62
C PHE A 342 -23.52 22.33 -29.57
N CYS A 343 -24.34 21.34 -29.92
CA CYS A 343 -24.85 20.28 -28.99
C CYS A 343 -23.69 19.41 -28.46
N ILE A 344 -22.69 19.11 -29.29
CA ILE A 344 -21.50 18.28 -28.91
C ILE A 344 -20.77 18.95 -27.74
N VAL A 345 -20.56 20.27 -27.81
CA VAL A 345 -19.87 21.09 -26.77
C VAL A 345 -20.77 21.14 -25.53
N LEU A 346 -22.08 21.40 -25.74
CA LEU A 346 -23.11 21.56 -24.66
C LEU A 346 -23.23 20.27 -23.84
N ARG A 347 -23.28 19.11 -24.51
CA ARG A 347 -23.29 17.77 -23.85
C ARG A 347 -22.00 17.60 -23.04
N MET A 348 -20.84 17.65 -23.71
CA MET A 348 -19.49 17.55 -23.09
C MET A 348 -19.43 18.44 -21.84
N ALA A 349 -19.98 19.66 -21.91
CA ALA A 349 -20.02 20.66 -20.83
C ALA A 349 -20.93 20.19 -19.68
N VAL A 350 -22.08 19.58 -19.97
CA VAL A 350 -23.15 19.28 -18.97
C VAL A 350 -23.16 17.80 -18.57
N THR A 351 -22.70 16.88 -19.44
CA THR A 351 -22.88 15.41 -19.30
C THR A 351 -21.60 14.71 -18.83
N ARG A 352 -20.41 15.21 -19.19
CA ARG A 352 -19.10 14.62 -18.79
C ARG A 352 -18.26 15.61 -17.98
N GLN A 353 -18.29 16.91 -18.28
CA GLN A 353 -17.46 17.92 -17.56
C GLN A 353 -18.12 18.32 -16.23
N PHE A 354 -19.45 18.46 -16.18
CA PHE A 354 -20.17 18.91 -14.96
C PHE A 354 -20.19 17.81 -13.89
N PRO A 355 -20.63 16.56 -14.16
CA PRO A 355 -20.72 15.55 -13.10
C PRO A 355 -19.35 15.07 -12.58
N TRP A 356 -18.30 15.06 -13.43
CA TRP A 356 -16.91 14.72 -13.03
C TRP A 356 -16.39 15.77 -12.03
N ALA A 357 -16.62 17.06 -12.32
CA ALA A 357 -16.18 18.23 -11.51
C ALA A 357 -16.74 18.15 -10.09
N VAL A 358 -18.03 17.84 -9.94
CA VAL A 358 -18.75 17.71 -8.63
C VAL A 358 -18.16 16.51 -7.87
N GLN A 359 -18.10 15.35 -8.53
CA GLN A 359 -17.61 14.06 -7.97
C GLN A 359 -16.22 14.26 -7.36
N THR A 360 -15.35 15.06 -7.99
CA THR A 360 -14.00 15.45 -7.49
C THR A 360 -14.13 16.23 -6.18
N TRP A 361 -15.07 17.19 -6.11
CA TRP A 361 -15.30 18.07 -4.93
C TRP A 361 -15.74 17.25 -3.71
N TYR A 362 -16.54 16.19 -3.92
CA TYR A 362 -16.97 15.24 -2.85
C TYR A 362 -15.76 14.47 -2.31
N ASP A 363 -14.92 13.95 -3.21
CA ASP A 363 -13.74 13.10 -2.88
C ASP A 363 -12.68 13.93 -2.14
N SER A 364 -12.35 15.11 -2.66
CA SER A 364 -11.35 16.05 -2.07
C SER A 364 -11.75 16.39 -0.63
N LEU A 365 -12.94 16.96 -0.44
CA LEU A 365 -13.46 17.41 0.88
C LEU A 365 -13.70 16.21 1.79
N GLY A 366 -14.23 15.10 1.25
CA GLY A 366 -14.33 13.80 1.93
C GLY A 366 -12.98 13.38 2.51
N ALA A 367 -11.92 13.46 1.69
CA ALA A 367 -10.52 13.10 2.06
C ALA A 367 -9.99 14.09 3.11
N ILE A 368 -10.21 15.39 2.90
CA ILE A 368 -9.74 16.48 3.82
C ILE A 368 -10.43 16.35 5.19
N ASN A 369 -11.70 15.95 5.22
CA ASN A 369 -12.49 15.74 6.48
C ASN A 369 -11.87 14.59 7.30
N LYS A 370 -11.50 13.49 6.63
CA LYS A 370 -10.85 12.30 7.28
C LYS A 370 -9.51 12.72 7.88
N ILE A 371 -8.69 13.47 7.13
CA ILE A 371 -7.36 13.98 7.55
C ILE A 371 -7.55 14.95 8.73
N GLN A 372 -8.45 15.92 8.58
CA GLN A 372 -8.79 16.92 9.66
C GLN A 372 -9.27 16.18 10.91
N ASP A 373 -10.11 15.16 10.75
CA ASP A 373 -10.63 14.29 11.85
C ASP A 373 -9.45 13.53 12.49
N PHE A 374 -8.52 13.00 11.67
CA PHE A 374 -7.31 12.28 12.15
C PHE A 374 -6.39 13.24 12.92
N LEU A 375 -6.30 14.51 12.48
CA LEU A 375 -5.35 15.52 13.06
C LEU A 375 -5.82 16.00 14.45
N GLN A 376 -7.13 15.96 14.74
CA GLN A 376 -7.72 16.45 16.02
C GLN A 376 -8.11 15.26 16.89
N LYS A 377 -7.11 14.49 17.35
CA LYS A 377 -7.27 13.26 18.17
C LYS A 377 -6.49 13.41 19.48
N GLN A 378 -6.64 12.44 20.40
CA GLN A 378 -5.98 12.40 21.73
C GLN A 378 -4.47 12.21 21.53
N GLU A 379 -3.66 13.16 22.00
CA GLU A 379 -2.18 13.18 21.82
C GLU A 379 -1.48 12.69 23.08
N TYR A 380 -0.32 12.05 22.91
CA TYR A 380 0.63 11.67 24.00
C TYR A 380 1.20 12.94 24.62
N LYS A 381 0.77 13.27 25.85
CA LYS A 381 1.26 14.46 26.60
C LYS A 381 2.61 14.14 27.23
N THR A 382 3.48 15.15 27.35
CA THR A 382 4.82 15.08 28.00
C THR A 382 4.86 16.11 29.14
N LEU A 383 5.45 15.74 30.28
CA LEU A 383 5.44 16.52 31.55
C LEU A 383 6.72 16.22 32.35
N GLU A 384 7.88 16.32 31.69
CA GLU A 384 9.20 15.96 32.26
C GLU A 384 9.72 17.12 33.11
N TYR A 385 10.30 16.81 34.27
CA TYR A 385 10.92 17.77 35.24
C TYR A 385 12.42 17.47 35.34
N ASN A 386 13.23 18.18 34.55
CA ASN A 386 14.71 18.02 34.47
C ASN A 386 15.35 18.35 35.83
N LEU A 387 14.75 19.27 36.59
CA LEU A 387 15.15 19.57 38.00
C LEU A 387 14.76 18.36 38.87
N THR A 388 15.74 17.78 39.57
CA THR A 388 15.57 16.61 40.48
C THR A 388 16.87 16.38 41.25
N THR A 389 16.88 15.39 42.14
CA THR A 389 18.08 14.84 42.85
C THR A 389 18.49 13.51 42.19
N THR A 390 18.02 13.25 40.97
CA THR A 390 18.11 11.95 40.23
C THR A 390 17.51 10.83 41.11
N GLU A 391 16.42 11.13 41.83
CA GLU A 391 15.67 10.16 42.67
C GLU A 391 14.37 9.82 41.94
N VAL A 392 14.28 8.61 41.39
CA VAL A 392 13.04 8.06 40.74
C VAL A 392 12.12 7.56 41.85
N VAL A 393 11.06 8.33 42.15
CA VAL A 393 10.09 8.07 43.27
C VAL A 393 8.71 7.75 42.66
N MET A 394 8.07 6.70 43.16
CA MET A 394 6.68 6.29 42.81
C MET A 394 5.90 6.06 44.11
N GLU A 395 4.67 6.57 44.21
CA GLU A 395 3.82 6.46 45.44
C GLU A 395 2.34 6.33 45.07
N ASN A 396 1.69 5.29 45.60
CA ASN A 396 0.21 5.13 45.68
C ASN A 396 -0.40 5.12 44.26
N VAL A 397 0.24 4.41 43.33
CA VAL A 397 -0.12 4.41 41.87
C VAL A 397 -1.12 3.29 41.58
N THR A 398 -2.15 3.60 40.80
CA THR A 398 -3.07 2.63 40.15
C THR A 398 -3.25 3.02 38.68
N ALA A 399 -3.50 2.04 37.79
CA ALA A 399 -3.65 2.25 36.33
C ALA A 399 -4.54 1.17 35.71
N PHE A 400 -5.49 1.59 34.87
CA PHE A 400 -6.33 0.75 33.99
C PHE A 400 -5.92 0.98 32.54
N TRP A 401 -5.96 -0.05 31.69
CA TRP A 401 -5.60 0.04 30.25
C TRP A 401 -6.71 0.80 29.49
N GLU A 402 -7.91 0.22 29.41
CA GLU A 402 -9.05 0.77 28.63
C GLU A 402 -9.62 1.99 29.35
N GLU A 403 -10.27 2.89 28.60
CA GLU A 403 -10.80 4.19 29.08
C GLU A 403 -12.01 3.96 30.00
N GLY A 404 -12.92 3.06 29.62
CA GLY A 404 -14.20 2.80 30.31
C GLY A 404 -14.07 2.67 31.81
N PHE A 405 -13.48 1.56 32.28
CA PHE A 405 -13.36 1.20 33.72
C PHE A 405 -12.50 2.23 34.46
N GLY A 406 -11.45 2.75 33.81
CA GLY A 406 -10.56 3.80 34.36
C GLY A 406 -11.30 5.10 34.63
N GLU A 407 -12.16 5.52 33.69
CA GLU A 407 -13.02 6.73 33.79
C GLU A 407 -14.16 6.48 34.80
N LEU A 408 -14.76 5.29 34.77
CA LEU A 408 -15.83 4.86 35.71
C LEU A 408 -15.27 4.85 37.15
N PHE A 409 -14.01 4.42 37.32
CA PHE A 409 -13.25 4.47 38.60
C PHE A 409 -12.81 5.92 38.86
N GLY A 437 -13.72 -4.28 36.06
CA GLY A 437 -12.44 -4.97 35.84
C GLY A 437 -11.37 -4.51 36.82
N THR A 438 -10.42 -5.40 37.15
CA THR A 438 -9.28 -5.14 38.06
C THR A 438 -8.23 -4.30 37.31
N PRO A 439 -7.63 -3.27 37.94
CA PRO A 439 -6.51 -2.54 37.34
C PRO A 439 -5.21 -3.37 37.36
N VAL A 440 -4.39 -3.24 36.32
CA VAL A 440 -3.11 -4.00 36.14
C VAL A 440 -2.08 -3.59 37.19
N LEU A 441 -2.21 -2.39 37.77
CA LEU A 441 -1.39 -1.89 38.91
C LEU A 441 -2.31 -1.22 39.94
N LYS A 442 -2.03 -1.39 41.24
CA LYS A 442 -2.78 -0.72 42.34
C LYS A 442 -1.97 -0.79 43.64
N ASP A 443 -1.93 0.33 44.38
CA ASP A 443 -1.29 0.45 45.73
C ASP A 443 0.19 0.07 45.65
N ILE A 444 0.90 0.61 44.65
CA ILE A 444 2.37 0.42 44.43
C ILE A 444 3.10 1.68 44.90
N ASN A 445 4.28 1.51 45.52
CA ASN A 445 5.17 2.62 45.95
C ASN A 445 6.61 2.10 46.03
N PHE A 446 7.58 2.93 45.60
CA PHE A 446 9.04 2.69 45.78
C PHE A 446 9.84 3.99 45.60
N LYS A 447 10.96 4.09 46.32
CA LYS A 447 12.00 5.15 46.19
C LYS A 447 13.30 4.49 45.71
N ILE A 448 14.01 5.13 44.77
CA ILE A 448 15.30 4.64 44.21
C ILE A 448 16.31 5.79 44.21
N GLU A 449 17.44 5.63 44.90
CA GLU A 449 18.62 6.54 44.83
C GLU A 449 19.39 6.24 43.54
N ARG A 450 20.14 7.22 43.03
CA ARG A 450 21.01 7.04 41.82
C ARG A 450 22.18 6.13 42.19
N GLY A 451 22.46 5.12 41.35
CA GLY A 451 23.59 4.19 41.50
C GLY A 451 23.19 2.88 42.15
N GLN A 452 22.15 2.23 41.62
CA GLN A 452 21.61 0.93 42.11
C GLN A 452 20.46 0.48 41.20
N LEU A 453 20.37 -0.83 40.93
CA LEU A 453 19.35 -1.44 40.03
C LEU A 453 18.21 -2.03 40.85
N LEU A 454 16.98 -1.96 40.32
CA LEU A 454 15.76 -2.58 40.89
C LEU A 454 15.50 -3.91 40.16
N ALA A 455 15.23 -4.98 40.92
CA ALA A 455 14.77 -6.28 40.39
C ALA A 455 13.24 -6.31 40.46
N VAL A 456 12.56 -6.12 39.31
CA VAL A 456 11.08 -6.23 39.19
C VAL A 456 10.75 -7.69 38.87
N ALA A 457 10.26 -8.45 39.86
CA ALA A 457 9.98 -9.90 39.77
C ALA A 457 8.48 -10.18 39.89
N GLY A 458 8.07 -11.40 39.54
CA GLY A 458 6.66 -11.86 39.55
C GLY A 458 6.41 -12.93 38.52
N SER A 459 5.17 -13.43 38.45
CA SER A 459 4.69 -14.45 37.47
C SER A 459 4.27 -13.77 36.17
N THR A 460 3.88 -14.56 35.16
CA THR A 460 3.41 -14.07 33.83
C THR A 460 2.03 -13.40 34.00
N GLY A 461 1.94 -12.11 33.67
CA GLY A 461 0.73 -11.28 33.85
C GLY A 461 0.70 -10.59 35.20
N ALA A 462 1.87 -10.29 35.79
CA ALA A 462 2.02 -9.60 37.09
C ALA A 462 1.85 -8.09 36.92
N GLY A 463 2.29 -7.54 35.78
CA GLY A 463 2.27 -6.10 35.46
C GLY A 463 3.66 -5.49 35.38
N LYS A 464 4.65 -6.28 34.97
CA LYS A 464 6.09 -5.89 34.95
C LYS A 464 6.37 -4.95 33.78
N THR A 465 5.85 -5.26 32.59
CA THR A 465 5.85 -4.37 31.40
C THR A 465 4.98 -3.14 31.69
N SER A 466 3.77 -3.39 32.20
CA SER A 466 2.77 -2.36 32.61
C SER A 466 3.41 -1.34 33.56
N LEU A 467 4.26 -1.79 34.48
CA LEU A 467 4.98 -0.91 35.44
C LEU A 467 5.95 0.02 34.68
N LEU A 468 6.70 -0.53 33.71
CA LEU A 468 7.65 0.25 32.87
C LEU A 468 6.88 1.23 31.98
N MET A 469 5.73 0.81 31.44
CA MET A 469 4.85 1.66 30.59
C MET A 469 4.39 2.92 31.38
N VAL A 470 4.19 2.78 32.70
CA VAL A 470 3.75 3.89 33.61
C VAL A 470 4.93 4.84 33.86
N ILE A 471 6.16 4.31 33.99
CA ILE A 471 7.40 5.12 34.23
C ILE A 471 7.67 5.98 32.99
N MET A 472 7.71 5.35 31.80
CA MET A 472 7.85 6.03 30.47
C MET A 472 6.68 7.00 30.27
N GLY A 473 5.48 6.62 30.73
CA GLY A 473 4.27 7.46 30.70
C GLY A 473 3.40 7.17 29.49
N GLU A 474 3.52 5.97 28.90
CA GLU A 474 2.66 5.49 27.78
C GLU A 474 1.30 5.09 28.35
N LEU A 475 1.30 4.44 29.52
CA LEU A 475 0.08 4.16 30.33
C LEU A 475 -0.03 5.20 31.44
N GLU A 476 -1.04 6.08 31.36
CA GLU A 476 -1.27 7.19 32.32
C GLU A 476 -1.99 6.63 33.56
N PRO A 477 -1.53 6.94 34.79
CA PRO A 477 -2.19 6.44 36.00
C PRO A 477 -3.46 7.23 36.35
N SER A 478 -4.49 6.54 36.86
CA SER A 478 -5.78 7.12 37.32
C SER A 478 -5.55 7.93 38.60
N GLU A 479 -4.92 7.31 39.60
CA GLU A 479 -4.51 7.95 40.88
C GLU A 479 -3.08 7.53 41.22
N GLY A 480 -2.27 8.47 41.72
CA GLY A 480 -0.83 8.32 41.99
C GLY A 480 -0.01 9.39 41.29
N LYS A 481 1.27 9.50 41.63
CA LYS A 481 2.20 10.54 41.10
C LYS A 481 3.55 9.91 40.75
N ILE A 482 4.06 10.24 39.56
CA ILE A 482 5.43 9.88 39.05
C ILE A 482 6.25 11.17 38.97
N LYS A 483 7.56 11.10 39.20
CA LYS A 483 8.50 12.22 38.89
C LYS A 483 9.95 11.71 38.81
N HIS A 484 10.58 11.94 37.66
CA HIS A 484 12.02 11.69 37.36
C HIS A 484 12.48 12.70 36.29
N SER A 485 13.76 12.68 35.91
CA SER A 485 14.32 13.53 34.83
C SER A 485 13.84 13.00 33.47
N GLY A 486 13.72 13.88 32.47
CA GLY A 486 13.23 13.58 31.11
C GLY A 486 14.05 12.49 30.42
N ARG A 487 15.36 12.49 30.62
CA ARG A 487 16.32 11.54 29.99
C ARG A 487 16.02 10.11 30.46
N ILE A 488 15.70 9.21 29.54
CA ILE A 488 15.35 7.78 29.81
C ILE A 488 15.86 6.91 28.66
N SER A 489 16.21 5.65 28.96
CA SER A 489 16.55 4.58 27.98
C SER A 489 15.63 3.39 28.22
N PHE A 490 15.28 2.65 27.15
CA PHE A 490 14.27 1.55 27.17
C PHE A 490 14.77 0.38 26.32
N CYS A 491 14.69 -0.85 26.87
CA CYS A 491 14.88 -2.13 26.14
C CYS A 491 13.59 -2.97 26.27
N SER A 492 12.82 -3.04 25.17
CA SER A 492 11.48 -3.68 25.08
C SER A 492 11.62 -5.20 25.11
N GLN A 493 10.53 -5.90 25.48
CA GLN A 493 10.46 -7.39 25.55
C GLN A 493 10.43 -7.97 24.13
N PHE A 494 9.64 -7.37 23.24
CA PHE A 494 9.62 -7.65 21.78
C PHE A 494 10.65 -6.74 21.09
N SER A 495 11.82 -7.30 20.74
CA SER A 495 12.97 -6.59 20.14
C SER A 495 12.60 -6.04 18.76
N TRP A 496 12.90 -4.76 18.50
CA TRP A 496 12.55 -4.02 17.26
C TRP A 496 13.82 -3.58 16.53
N ILE A 497 13.98 -4.00 15.27
CA ILE A 497 15.14 -3.68 14.38
C ILE A 497 14.62 -2.86 13.19
N MET A 498 14.95 -1.56 13.13
CA MET A 498 14.59 -0.67 12.00
C MET A 498 15.41 -1.07 10.77
N PRO A 499 14.96 -0.77 9.52
CA PRO A 499 15.69 -1.17 8.32
C PRO A 499 17.01 -0.38 8.19
N GLY A 500 18.13 -1.08 8.12
CA GLY A 500 19.48 -0.48 7.99
C GLY A 500 20.57 -1.41 8.50
N THR A 501 21.75 -0.84 8.80
CA THR A 501 22.97 -1.56 9.25
C THR A 501 22.95 -1.68 10.78
N ILE A 502 23.72 -2.64 11.31
CA ILE A 502 23.83 -2.93 12.77
C ILE A 502 24.34 -1.66 13.48
N LYS A 503 25.28 -0.94 12.87
CA LYS A 503 25.78 0.38 13.34
C LYS A 503 24.60 1.35 13.46
N GLU A 504 23.85 1.56 12.35
CA GLU A 504 22.68 2.46 12.28
C GLU A 504 21.60 2.05 13.30
N ASN A 505 21.50 0.75 13.59
CA ASN A 505 20.59 0.21 14.66
C ASN A 505 21.13 0.59 16.03
N ILE A 506 22.42 0.36 16.30
CA ILE A 506 23.03 0.52 17.66
C ILE A 506 23.15 2.01 18.00
N ILE A 507 23.62 2.87 17.08
CA ILE A 507 23.80 4.33 17.36
C ILE A 507 22.41 5.00 17.35
N PHE A 508 21.58 4.72 16.35
CA PHE A 508 20.15 5.13 16.25
C PHE A 508 20.04 6.65 16.14
N GLY A 509 20.55 7.21 15.02
CA GLY A 509 20.34 8.61 14.60
C GLY A 509 21.08 9.61 15.50
N VAL A 510 22.34 9.34 15.82
CA VAL A 510 23.26 10.28 16.55
C VAL A 510 24.69 10.08 16.02
N SER A 511 25.61 10.97 16.40
CA SER A 511 27.04 10.98 15.99
C SER A 511 27.75 9.72 16.51
N TYR A 512 28.68 9.19 15.72
CA TYR A 512 29.46 7.95 15.98
C TYR A 512 30.60 8.25 16.97
N ASP A 513 30.93 7.27 17.81
CA ASP A 513 32.07 7.34 18.78
C ASP A 513 32.76 5.98 18.81
N GLU A 514 33.99 5.91 18.27
CA GLU A 514 34.80 4.68 18.10
C GLU A 514 35.04 4.02 19.47
N TYR A 515 35.37 4.79 20.50
CA TYR A 515 35.67 4.28 21.87
C TYR A 515 34.41 3.73 22.54
N ARG A 516 33.28 4.43 22.39
CA ARG A 516 31.97 4.04 22.98
C ARG A 516 31.45 2.78 22.27
N TYR A 517 31.35 2.85 20.93
CA TYR A 517 30.74 1.81 20.05
C TYR A 517 31.41 0.44 20.27
N ARG A 518 32.74 0.40 20.34
CA ARG A 518 33.55 -0.85 20.45
C ARG A 518 33.46 -1.42 21.87
N SER A 519 33.49 -0.57 22.90
CA SER A 519 33.39 -0.96 24.33
C SER A 519 32.01 -1.58 24.64
N VAL A 520 30.95 -1.14 23.95
CA VAL A 520 29.56 -1.65 24.09
C VAL A 520 29.48 -3.06 23.48
N ILE A 521 29.90 -3.23 22.22
CA ILE A 521 29.83 -4.50 21.43
C ILE A 521 30.57 -5.62 22.18
N LYS A 522 31.69 -5.29 22.84
CA LYS A 522 32.53 -6.22 23.65
C LYS A 522 31.80 -6.56 24.96
N ALA A 523 31.14 -5.58 25.59
CA ALA A 523 30.37 -5.73 26.85
C ALA A 523 29.15 -6.63 26.61
N CYS A 524 28.38 -6.33 25.55
CA CYS A 524 27.22 -7.13 25.07
C CYS A 524 27.68 -8.36 24.28
N GLN A 525 29.00 -8.51 24.05
CA GLN A 525 29.67 -9.63 23.34
C GLN A 525 28.88 -10.00 22.07
N LEU A 526 28.88 -9.11 21.08
CA LEU A 526 28.43 -9.41 19.68
C LEU A 526 29.64 -9.73 18.80
N GLU A 527 30.87 -9.51 19.29
CA GLU A 527 32.15 -9.68 18.54
C GLU A 527 32.21 -11.05 17.87
N GLU A 528 31.73 -12.10 18.55
CA GLU A 528 31.63 -13.49 18.02
C GLU A 528 30.69 -13.52 16.81
N ASP A 529 29.50 -12.92 16.94
CA ASP A 529 28.39 -13.02 15.95
C ASP A 529 28.65 -12.11 14.74
N ILE A 530 29.20 -10.92 14.98
CA ILE A 530 29.51 -9.88 13.94
C ILE A 530 30.65 -10.39 13.04
N SER A 531 31.65 -11.06 13.62
CA SER A 531 32.85 -11.59 12.90
C SER A 531 32.47 -12.70 11.90
N LYS A 532 31.38 -13.43 12.16
CA LYS A 532 30.94 -14.58 11.32
C LYS A 532 30.39 -14.09 9.98
N PHE A 533 29.77 -12.89 9.95
CA PHE A 533 29.17 -12.28 8.72
C PHE A 533 30.29 -11.87 7.75
N ALA A 534 29.99 -11.87 6.45
CA ALA A 534 30.92 -11.54 5.34
C ALA A 534 31.30 -10.05 5.42
N GLU A 535 30.36 -9.15 5.14
CA GLU A 535 30.46 -7.71 5.47
C GLU A 535 30.39 -7.59 7.00
N LYS A 536 31.52 -7.32 7.65
CA LYS A 536 31.72 -7.53 9.12
C LYS A 536 30.69 -6.70 9.89
N ASP A 537 30.87 -5.38 9.96
CA ASP A 537 30.02 -4.46 10.76
C ASP A 537 28.65 -4.32 10.08
N ASN A 538 28.61 -3.63 8.93
CA ASN A 538 27.39 -3.06 8.33
C ASN A 538 26.83 -4.03 7.27
N ILE A 539 25.72 -4.70 7.60
CA ILE A 539 24.88 -5.52 6.67
C ILE A 539 23.46 -4.94 6.69
N VAL A 540 22.88 -4.70 5.51
CA VAL A 540 21.53 -4.09 5.36
C VAL A 540 20.48 -5.11 5.82
N LEU A 541 19.95 -4.92 7.04
CA LEU A 541 18.90 -5.77 7.65
C LEU A 541 17.52 -5.33 7.12
N GLY A 542 16.63 -6.28 6.85
CA GLY A 542 15.27 -6.03 6.33
C GLY A 542 14.34 -5.48 7.38
N GLU A 543 13.04 -5.41 7.06
CA GLU A 543 11.97 -4.94 7.98
C GLU A 543 11.79 -5.97 9.10
N GLY A 544 12.23 -5.64 10.32
CA GLY A 544 12.10 -6.49 11.52
C GLY A 544 13.39 -7.22 11.88
N GLY A 545 14.21 -7.57 10.87
CA GLY A 545 15.52 -8.22 11.05
C GLY A 545 15.40 -9.73 11.18
N ILE A 546 14.69 -10.37 10.23
CA ILE A 546 14.49 -11.85 10.17
C ILE A 546 15.76 -12.53 9.62
N THR A 547 16.72 -11.75 9.11
CA THR A 547 18.10 -12.19 8.75
C THR A 547 18.83 -12.73 10.00
N LEU A 548 18.55 -12.16 11.18
CA LEU A 548 19.20 -12.52 12.48
C LEU A 548 18.33 -13.55 13.21
N SER A 549 18.85 -14.06 14.34
CA SER A 549 18.16 -15.00 15.26
C SER A 549 17.55 -14.22 16.44
N GLY A 550 16.77 -14.90 17.29
CA GLY A 550 16.07 -14.33 18.45
C GLY A 550 17.02 -13.67 19.43
N GLY A 551 18.10 -14.37 19.80
CA GLY A 551 19.14 -13.90 20.74
C GLY A 551 19.92 -12.72 20.20
N GLN A 552 20.24 -12.71 18.90
CA GLN A 552 21.03 -11.64 18.22
C GLN A 552 20.25 -10.31 18.27
N ARG A 553 18.95 -10.33 17.97
CA ARG A 553 18.06 -9.14 17.96
C ARG A 553 18.00 -8.50 19.36
N ALA A 554 17.83 -9.33 20.40
CA ALA A 554 17.74 -8.91 21.82
C ALA A 554 19.00 -8.13 22.23
N ARG A 555 20.19 -8.62 21.84
CA ARG A 555 21.50 -8.02 22.20
C ARG A 555 21.72 -6.71 21.43
N ILE A 556 21.21 -6.60 20.20
CA ILE A 556 21.22 -5.33 19.41
C ILE A 556 20.26 -4.33 20.09
N SER A 557 19.04 -4.79 20.43
CA SER A 557 18.03 -4.01 21.21
C SER A 557 18.64 -3.51 22.52
N LEU A 558 19.44 -4.35 23.20
CA LEU A 558 20.16 -4.02 24.45
C LEU A 558 21.26 -3.00 24.17
N ALA A 559 22.14 -3.29 23.19
CA ALA A 559 23.25 -2.43 22.75
C ALA A 559 22.75 -1.02 22.43
N ARG A 560 21.63 -0.92 21.70
CA ARG A 560 20.95 0.38 21.37
C ARG A 560 20.66 1.14 22.67
N ALA A 561 20.09 0.45 23.67
CA ALA A 561 19.71 1.01 24.99
C ALA A 561 20.95 1.40 25.79
N VAL A 562 22.03 0.62 25.68
CA VAL A 562 23.30 0.84 26.43
C VAL A 562 24.06 2.03 25.82
N TYR A 563 24.18 2.10 24.49
CA TYR A 563 24.93 3.17 23.75
C TYR A 563 24.30 4.55 24.01
N LYS A 564 22.97 4.61 24.15
CA LYS A 564 22.21 5.81 24.57
C LYS A 564 22.63 6.21 26.00
N ASP A 565 22.83 7.51 26.24
CA ASP A 565 23.17 8.07 27.57
C ASP A 565 21.91 8.71 28.17
N ALA A 566 21.58 8.33 29.41
CA ALA A 566 20.37 8.79 30.14
C ALA A 566 20.55 8.59 31.65
N ASP A 567 19.60 9.10 32.44
CA ASP A 567 19.60 9.05 33.93
C ASP A 567 18.94 7.76 34.42
N LEU A 568 18.04 7.17 33.60
CA LEU A 568 17.29 5.93 33.93
C LEU A 568 17.34 4.97 32.74
N TYR A 569 17.61 3.68 33.00
CA TYR A 569 17.71 2.57 32.01
C TYR A 569 16.67 1.50 32.34
N LEU A 570 15.58 1.45 31.58
CA LEU A 570 14.53 0.40 31.70
C LEU A 570 14.92 -0.80 30.83
N LEU A 571 14.93 -2.00 31.42
CA LEU A 571 15.30 -3.28 30.76
C LEU A 571 14.20 -4.31 31.01
N ASP A 572 13.39 -4.60 29.97
CA ASP A 572 12.22 -5.52 30.05
C ASP A 572 12.67 -6.93 29.67
N SER A 573 13.47 -7.57 30.53
CA SER A 573 13.90 -8.98 30.46
C SER A 573 14.65 -9.23 29.15
N PRO A 574 15.90 -8.71 29.01
CA PRO A 574 16.71 -8.94 27.81
C PRO A 574 17.46 -10.29 27.77
N PHE A 575 17.37 -11.10 28.83
CA PHE A 575 18.08 -12.40 28.99
C PHE A 575 17.12 -13.57 28.77
N GLY A 576 16.09 -13.38 27.94
CA GLY A 576 15.04 -14.40 27.65
C GLY A 576 15.52 -15.44 26.66
N TYR A 577 16.10 -15.01 25.55
CA TYR A 577 16.55 -15.87 24.41
C TYR A 577 18.05 -16.21 24.53
N LEU A 578 18.74 -15.72 25.56
CA LEU A 578 20.21 -15.95 25.76
C LEU A 578 20.42 -17.21 26.60
N ASP A 579 21.46 -18.00 26.27
CA ASP A 579 21.95 -19.15 27.07
C ASP A 579 22.57 -18.63 28.37
N VAL A 580 22.85 -19.52 29.32
CA VAL A 580 23.22 -19.18 30.73
C VAL A 580 24.63 -18.56 30.74
N LEU A 581 25.58 -19.15 30.00
CA LEU A 581 26.98 -18.67 29.86
C LEU A 581 26.99 -17.22 29.38
N THR A 582 26.23 -16.92 28.32
CA THR A 582 26.06 -15.55 27.75
C THR A 582 25.33 -14.67 28.77
N GLU A 583 24.24 -15.17 29.36
CA GLU A 583 23.38 -14.45 30.34
C GLU A 583 24.20 -13.98 31.55
N LYS A 584 25.12 -14.81 32.06
CA LYS A 584 26.02 -14.42 33.20
C LYS A 584 27.02 -13.38 32.71
N GLU A 585 27.77 -13.70 31.65
CA GLU A 585 28.86 -12.87 31.07
C GLU A 585 28.32 -11.46 30.78
N ILE A 586 27.19 -11.34 30.07
CA ILE A 586 26.59 -10.03 29.67
C ILE A 586 26.12 -9.25 30.91
N PHE A 587 25.53 -9.94 31.90
CA PHE A 587 25.04 -9.35 33.17
C PHE A 587 26.22 -8.82 33.99
N GLU A 588 27.32 -9.58 34.08
CA GLU A 588 28.52 -9.20 34.87
C GLU A 588 29.41 -8.22 34.08
N SER A 589 29.31 -8.16 32.75
CA SER A 589 30.16 -7.33 31.85
C SER A 589 29.47 -6.03 31.44
N CYS A 590 28.13 -5.96 31.46
CA CYS A 590 27.35 -4.76 31.03
C CYS A 590 26.66 -4.12 32.24
N VAL A 591 25.65 -4.80 32.82
CA VAL A 591 24.67 -4.26 33.80
C VAL A 591 25.40 -3.78 35.07
N CYS A 592 26.42 -4.51 35.51
CA CYS A 592 27.16 -4.28 36.79
C CYS A 592 28.55 -3.68 36.55
N LYS A 593 28.91 -3.36 35.30
CA LYS A 593 30.26 -2.86 34.90
C LYS A 593 30.12 -1.55 34.11
N LEU A 594 29.50 -1.61 32.93
CA LEU A 594 29.44 -0.47 31.96
C LEU A 594 28.36 0.52 32.37
N MET A 595 27.37 0.07 33.16
CA MET A 595 26.14 0.82 33.55
C MET A 595 26.18 1.18 35.04
N ALA A 596 27.39 1.33 35.62
CA ALA A 596 27.62 1.64 37.04
C ALA A 596 27.25 3.11 37.31
N ASN A 597 26.77 3.40 38.52
CA ASN A 597 26.46 4.77 39.04
C ASN A 597 25.22 5.34 38.33
N LYS A 598 24.32 4.49 37.83
CA LYS A 598 23.04 4.90 37.18
C LYS A 598 21.89 4.10 37.82
N THR A 599 20.75 4.74 38.08
CA THR A 599 19.45 4.04 38.33
C THR A 599 19.13 3.23 37.09
N ARG A 600 18.80 1.94 37.24
CA ARG A 600 18.46 1.04 36.11
C ARG A 600 17.49 -0.05 36.59
N ILE A 601 16.19 0.16 36.39
CA ILE A 601 15.10 -0.79 36.75
C ILE A 601 15.13 -1.94 35.74
N LEU A 602 15.26 -3.18 36.24
CA LEU A 602 15.45 -4.42 35.44
C LEU A 602 14.30 -5.40 35.75
N VAL A 603 13.67 -5.94 34.71
CA VAL A 603 12.71 -7.09 34.82
C VAL A 603 13.52 -8.39 34.71
N THR A 604 13.46 -9.25 35.74
CA THR A 604 14.18 -10.55 35.77
C THR A 604 13.59 -11.46 36.85
N SER A 605 13.78 -12.78 36.67
CA SER A 605 13.26 -13.85 37.58
C SER A 605 14.33 -14.95 37.74
N LYS A 606 15.46 -14.60 38.35
CA LYS A 606 16.55 -15.55 38.73
C LYS A 606 17.19 -15.09 40.05
N MET A 607 17.61 -16.04 40.88
CA MET A 607 18.19 -15.81 42.23
C MET A 607 19.51 -15.04 42.10
N GLU A 608 20.36 -15.43 41.13
CA GLU A 608 21.72 -14.85 40.88
C GLU A 608 21.60 -13.34 40.67
N HIS A 609 20.63 -12.88 39.88
CA HIS A 609 20.41 -11.45 39.53
C HIS A 609 19.88 -10.69 40.76
N LEU A 610 18.98 -11.32 41.53
CA LEU A 610 18.36 -10.73 42.76
C LEU A 610 19.40 -10.64 43.89
N LYS A 611 20.37 -11.57 43.95
CA LYS A 611 21.45 -11.57 44.97
C LYS A 611 22.28 -10.29 44.84
N LYS A 612 22.83 -10.02 43.64
CA LYS A 612 23.72 -8.86 43.36
C LYS A 612 22.91 -7.55 43.38
N ALA A 613 21.60 -7.60 43.08
CA ALA A 613 20.68 -6.44 43.09
C ALA A 613 20.59 -5.85 44.50
N ASP A 614 20.29 -4.54 44.59
CA ASP A 614 20.20 -3.79 45.88
C ASP A 614 18.78 -3.91 46.45
N LYS A 615 17.78 -3.44 45.69
CA LYS A 615 16.34 -3.41 46.11
C LYS A 615 15.52 -4.27 45.16
N ILE A 616 14.57 -5.04 45.71
CA ILE A 616 13.69 -6.00 44.97
C ILE A 616 12.24 -5.54 45.07
N LEU A 617 11.46 -5.74 44.00
CA LEU A 617 9.99 -5.50 43.95
C LEU A 617 9.31 -6.71 43.31
N ILE A 618 8.58 -7.49 44.09
CA ILE A 618 7.84 -8.71 43.64
C ILE A 618 6.36 -8.36 43.43
N LEU A 619 5.96 -8.15 42.17
CA LEU A 619 4.53 -7.94 41.78
C LEU A 619 3.83 -9.30 41.74
N HIS A 620 2.50 -9.29 41.88
CA HIS A 620 1.61 -10.48 41.81
C HIS A 620 0.16 -10.03 41.61
N GLU A 621 -0.46 -10.43 40.50
CA GLU A 621 -1.85 -10.06 40.13
C GLU A 621 -2.03 -8.53 40.22
N GLY A 622 -1.02 -7.78 39.79
CA GLY A 622 -1.00 -6.30 39.83
C GLY A 622 -0.97 -5.74 41.24
N SER A 623 -0.39 -6.48 42.21
CA SER A 623 -0.26 -6.07 43.63
C SER A 623 1.14 -6.43 44.15
N SER A 624 1.78 -5.49 44.86
CA SER A 624 3.14 -5.64 45.44
C SER A 624 3.11 -6.69 46.57
N TYR A 625 3.52 -7.93 46.26
CA TYR A 625 3.57 -9.06 47.21
C TYR A 625 4.64 -8.79 48.28
N PHE A 626 5.81 -8.31 47.85
CA PHE A 626 6.94 -7.91 48.72
C PHE A 626 7.65 -6.68 48.13
N TYR A 627 8.28 -5.88 48.99
CA TYR A 627 9.18 -4.75 48.63
C TYR A 627 10.23 -4.56 49.74
N GLY A 628 11.51 -4.56 49.36
CA GLY A 628 12.65 -4.40 50.28
C GLY A 628 13.97 -4.80 49.63
N THR A 629 14.85 -5.46 50.40
CA THR A 629 16.19 -5.95 49.96
C THR A 629 16.20 -7.49 49.97
N PHE A 630 17.27 -8.10 49.42
CA PHE A 630 17.44 -9.56 49.29
C PHE A 630 17.68 -10.20 50.67
N SER A 631 18.53 -9.57 51.48
CA SER A 631 18.82 -9.96 52.89
C SER A 631 17.54 -10.03 53.71
N GLU A 632 16.68 -9.01 53.56
CA GLU A 632 15.37 -8.88 54.25
C GLU A 632 14.40 -9.97 53.78
N LEU A 633 14.35 -10.26 52.48
CA LEU A 633 13.41 -11.26 51.88
C LEU A 633 13.65 -12.63 52.51
N GLN A 634 14.92 -13.05 52.62
CA GLN A 634 15.35 -14.31 53.28
C GLN A 634 14.95 -14.28 54.77
N ASN A 635 15.10 -13.12 55.42
CA ASN A 635 14.76 -12.88 56.85
C ASN A 635 13.24 -12.92 57.04
N LEU A 636 12.46 -12.64 55.99
CA LEU A 636 10.97 -12.59 56.01
C LEU A 636 10.41 -14.01 55.88
N GLN A 637 10.85 -14.77 54.86
CA GLN A 637 10.46 -16.19 54.61
C GLN A 637 11.65 -16.95 54.03
N THR A 845 4.94 -5.85 -24.15
CA THR A 845 3.71 -5.02 -24.03
C THR A 845 2.50 -5.79 -24.58
N TRP A 846 2.59 -6.27 -25.83
CA TRP A 846 1.56 -7.11 -26.51
C TRP A 846 1.20 -8.32 -25.65
N ASN A 847 2.19 -8.93 -24.97
CA ASN A 847 2.02 -10.13 -24.12
C ASN A 847 1.16 -9.78 -22.88
N THR A 848 1.44 -8.64 -22.24
CA THR A 848 0.72 -8.13 -21.04
C THR A 848 -0.76 -7.88 -21.38
N TYR A 849 -1.04 -7.23 -22.52
CA TYR A 849 -2.41 -6.97 -23.05
C TYR A 849 -3.11 -8.30 -23.36
N LEU A 850 -2.38 -9.26 -23.94
CA LEU A 850 -2.92 -10.57 -24.41
C LEU A 850 -3.27 -11.44 -23.20
N ARG A 851 -2.34 -11.61 -22.26
CA ARG A 851 -2.48 -12.50 -21.07
C ARG A 851 -3.69 -12.08 -20.22
N TYR A 852 -3.90 -10.77 -20.05
CA TYR A 852 -5.02 -10.15 -19.30
C TYR A 852 -6.37 -10.57 -19.89
N ILE A 853 -6.47 -10.58 -21.22
CA ILE A 853 -7.73 -10.92 -21.96
C ILE A 853 -8.00 -12.42 -21.85
N THR A 854 -6.96 -13.26 -21.83
CA THR A 854 -7.06 -14.74 -21.85
C THR A 854 -6.91 -15.33 -20.43
N VAL A 855 -7.35 -14.62 -19.39
CA VAL A 855 -7.52 -15.16 -18.01
C VAL A 855 -8.89 -15.82 -17.94
N HIS A 856 -9.94 -15.04 -18.22
CA HIS A 856 -11.38 -15.42 -18.12
C HIS A 856 -11.97 -15.55 -19.52
N LYS A 857 -12.64 -16.67 -19.83
CA LYS A 857 -13.15 -17.03 -21.18
C LYS A 857 -14.38 -16.20 -21.54
N SER A 858 -15.20 -15.80 -20.55
CA SER A 858 -16.39 -14.92 -20.73
C SER A 858 -16.00 -13.65 -21.50
N LEU A 859 -14.87 -13.03 -21.11
CA LEU A 859 -14.40 -11.72 -21.63
C LEU A 859 -14.23 -11.79 -23.16
N ILE A 860 -13.61 -12.86 -23.69
CA ILE A 860 -13.34 -13.01 -25.15
C ILE A 860 -14.65 -13.28 -25.89
N PHE A 861 -15.64 -13.94 -25.27
CA PHE A 861 -16.99 -14.15 -25.84
C PHE A 861 -17.75 -12.82 -25.88
N VAL A 862 -17.77 -12.07 -24.77
CA VAL A 862 -18.45 -10.74 -24.66
C VAL A 862 -17.90 -9.79 -25.73
N LEU A 863 -16.56 -9.75 -25.90
CA LEU A 863 -15.86 -8.86 -26.86
C LEU A 863 -16.23 -9.22 -28.30
N ILE A 864 -16.26 -10.53 -28.63
CA ILE A 864 -16.74 -11.05 -29.95
C ILE A 864 -18.21 -10.65 -30.13
N TRP A 865 -19.03 -10.84 -29.08
CA TRP A 865 -20.49 -10.56 -29.11
C TRP A 865 -20.76 -9.07 -29.31
N CYS A 866 -19.90 -8.19 -28.77
CA CYS A 866 -19.96 -6.71 -28.98
C CYS A 866 -19.64 -6.38 -30.44
N LEU A 867 -18.63 -7.04 -31.02
CA LEU A 867 -18.06 -6.74 -32.36
C LEU A 867 -19.06 -7.15 -33.47
N VAL A 868 -19.72 -8.30 -33.32
CA VAL A 868 -20.74 -8.81 -34.29
C VAL A 868 -21.96 -7.87 -34.31
N ILE A 869 -22.37 -7.35 -33.15
CA ILE A 869 -23.47 -6.36 -33.01
C ILE A 869 -22.99 -5.00 -33.54
N PHE A 870 -21.71 -4.64 -33.32
CA PHE A 870 -21.09 -3.42 -33.90
C PHE A 870 -21.14 -3.49 -35.43
N LEU A 871 -20.72 -4.63 -36.01
CA LEU A 871 -20.70 -4.88 -37.48
C LEU A 871 -22.12 -4.71 -38.06
N ALA A 872 -23.14 -5.18 -37.34
CA ALA A 872 -24.58 -5.11 -37.74
C ALA A 872 -25.04 -3.65 -37.82
N GLU A 873 -24.65 -2.81 -36.85
CA GLU A 873 -25.03 -1.38 -36.76
C GLU A 873 -24.25 -0.55 -37.79
N VAL A 874 -23.00 -0.93 -38.07
CA VAL A 874 -22.16 -0.36 -39.18
C VAL A 874 -22.79 -0.75 -40.52
N ALA A 875 -23.26 -2.00 -40.66
CA ALA A 875 -23.93 -2.55 -41.86
C ALA A 875 -25.30 -1.86 -42.05
N ALA A 876 -26.00 -1.56 -40.95
CA ALA A 876 -27.36 -0.94 -40.93
C ALA A 876 -27.29 0.50 -41.45
N SER A 877 -26.37 1.31 -40.90
CA SER A 877 -26.16 2.74 -41.28
C SER A 877 -25.76 2.85 -42.75
N LEU A 878 -24.95 1.90 -43.25
CA LEU A 878 -24.47 1.83 -44.65
C LEU A 878 -25.68 1.87 -45.60
N VAL A 879 -26.60 0.91 -45.45
CA VAL A 879 -27.79 0.74 -46.35
C VAL A 879 -28.78 1.90 -46.14
N VAL A 880 -28.82 2.48 -44.93
CA VAL A 880 -29.61 3.72 -44.63
C VAL A 880 -29.04 4.88 -45.48
N LEU A 881 -27.73 5.14 -45.37
CA LEU A 881 -27.06 6.24 -46.12
C LEU A 881 -27.08 5.95 -47.63
N TRP A 882 -27.06 4.69 -48.04
CA TRP A 882 -27.17 4.25 -49.47
C TRP A 882 -28.54 4.67 -50.03
N LEU A 883 -29.61 4.41 -49.27
CA LEU A 883 -31.00 4.84 -49.61
C LEU A 883 -31.08 6.38 -49.55
N LEU A 884 -30.53 6.99 -48.50
CA LEU A 884 -30.61 8.47 -48.24
C LEU A 884 -29.91 9.23 -49.39
N GLY A 885 -28.69 8.83 -49.74
CA GLY A 885 -27.87 9.45 -50.80
C GLY A 885 -28.48 9.29 -52.19
N ASN A 886 -29.19 8.17 -52.42
CA ASN A 886 -29.77 7.79 -53.75
C ASN A 886 -31.17 8.40 -53.93
N THR A 887 -31.60 9.30 -53.04
CA THR A 887 -32.95 9.96 -53.06
C THR A 887 -33.17 10.67 -54.39
N PRO A 888 -34.38 10.58 -55.00
CA PRO A 888 -34.70 11.36 -56.20
C PRO A 888 -35.15 12.80 -55.94
N LEU A 889 -35.22 13.22 -54.66
CA LEU A 889 -35.72 14.56 -54.23
C LEU A 889 -34.66 15.63 -54.57
N ASN A 900 -43.32 22.33 -51.19
CA ASN A 900 -44.35 21.38 -50.68
C ASN A 900 -43.74 20.48 -49.60
N ASN A 901 -42.60 19.83 -49.89
CA ASN A 901 -41.84 19.00 -48.92
C ASN A 901 -41.07 19.94 -47.96
N SER A 902 -41.81 20.53 -47.01
CA SER A 902 -41.31 21.54 -46.03
C SER A 902 -40.56 20.87 -44.88
N TYR A 903 -40.82 19.58 -44.63
CA TYR A 903 -40.27 18.77 -43.50
C TYR A 903 -38.73 18.92 -43.43
N ALA A 904 -38.06 18.80 -44.58
CA ALA A 904 -36.60 19.00 -44.73
C ALA A 904 -36.30 19.54 -46.14
N VAL A 905 -35.68 20.72 -46.24
CA VAL A 905 -35.32 21.39 -47.52
C VAL A 905 -33.91 20.92 -47.93
N ILE A 906 -33.79 20.28 -49.09
CA ILE A 906 -32.51 19.77 -49.66
C ILE A 906 -32.45 20.15 -51.14
N ILE A 907 -31.25 20.40 -51.66
CA ILE A 907 -30.97 20.62 -53.12
C ILE A 907 -29.68 19.86 -53.48
N THR A 908 -29.56 19.44 -54.74
CA THR A 908 -28.42 18.69 -55.34
C THR A 908 -27.08 19.15 -54.73
N SER A 909 -26.89 20.48 -54.63
CA SER A 909 -25.65 21.13 -54.12
C SER A 909 -25.48 20.85 -52.62
N THR A 910 -26.36 21.39 -51.78
CA THR A 910 -26.34 21.30 -50.29
C THR A 910 -26.27 19.83 -49.87
N SER A 911 -27.14 18.99 -50.44
CA SER A 911 -27.32 17.55 -50.13
C SER A 911 -25.97 16.86 -49.89
N SER A 912 -25.12 16.81 -50.92
CA SER A 912 -23.85 16.04 -50.98
C SER A 912 -23.04 16.21 -49.70
N TYR A 913 -22.89 17.45 -49.19
CA TYR A 913 -21.85 17.82 -48.20
C TYR A 913 -22.46 18.27 -46.86
N TYR A 914 -23.73 17.97 -46.59
CA TYR A 914 -24.36 18.13 -45.25
C TYR A 914 -24.87 16.79 -44.74
N VAL A 915 -25.48 15.97 -45.61
CA VAL A 915 -26.03 14.62 -45.29
C VAL A 915 -24.95 13.77 -44.60
N PHE A 916 -23.71 13.84 -45.06
CA PHE A 916 -22.55 13.07 -44.53
C PHE A 916 -22.09 13.68 -43.21
N TYR A 917 -21.98 15.01 -43.15
CA TYR A 917 -21.55 15.79 -41.96
C TYR A 917 -22.51 15.57 -40.79
N ILE A 918 -23.81 15.49 -41.09
CA ILE A 918 -24.90 15.15 -40.11
C ILE A 918 -24.61 13.76 -39.52
N TYR A 919 -24.27 12.76 -40.36
CA TYR A 919 -24.02 11.36 -39.94
C TYR A 919 -22.84 11.29 -38.97
N VAL A 920 -21.74 11.97 -39.30
CA VAL A 920 -20.49 12.03 -38.46
C VAL A 920 -20.83 12.64 -37.09
N GLY A 921 -21.74 13.64 -37.06
CA GLY A 921 -22.21 14.30 -35.83
C GLY A 921 -23.01 13.38 -34.92
N VAL A 922 -23.90 12.55 -35.49
CA VAL A 922 -24.83 11.65 -34.75
C VAL A 922 -24.27 10.21 -34.69
N ALA A 923 -23.06 9.97 -35.23
CA ALA A 923 -22.39 8.64 -35.27
C ALA A 923 -22.12 8.14 -33.84
N ASP A 924 -21.82 9.07 -32.91
CA ASP A 924 -21.49 8.79 -31.49
C ASP A 924 -22.61 8.00 -30.81
N THR A 925 -23.88 8.25 -31.18
CA THR A 925 -25.09 7.60 -30.59
C THR A 925 -25.41 6.28 -31.31
N LEU A 926 -25.41 6.29 -32.65
CA LEU A 926 -25.79 5.11 -33.50
C LEU A 926 -24.85 3.93 -33.20
N LEU A 927 -23.57 4.19 -32.91
CA LEU A 927 -22.52 3.16 -32.66
C LEU A 927 -22.25 3.01 -31.15
N ALA A 928 -23.09 3.60 -30.28
CA ALA A 928 -22.91 3.59 -28.80
C ALA A 928 -23.19 2.20 -28.26
N MET A 929 -22.51 1.82 -27.17
CA MET A 929 -22.67 0.51 -26.48
C MET A 929 -23.87 0.59 -25.53
N GLY A 930 -24.99 -0.04 -25.90
CA GLY A 930 -26.20 -0.19 -25.06
C GLY A 930 -25.95 -1.11 -23.88
N PHE A 931 -26.88 -1.14 -22.91
CA PHE A 931 -26.76 -1.86 -21.63
C PHE A 931 -26.36 -3.33 -21.87
N PHE A 932 -26.86 -3.92 -22.97
CA PHE A 932 -26.56 -5.32 -23.40
C PHE A 932 -25.06 -5.50 -23.69
N ARG A 933 -24.42 -4.52 -24.34
CA ARG A 933 -22.96 -4.53 -24.66
C ARG A 933 -22.14 -4.03 -23.46
N GLY A 934 -22.64 -3.00 -22.76
CA GLY A 934 -21.93 -2.30 -21.67
C GLY A 934 -21.75 -3.15 -20.44
N LEU A 935 -22.85 -3.64 -19.85
CA LEU A 935 -22.89 -4.28 -18.50
C LEU A 935 -22.00 -5.53 -18.45
N PRO A 936 -22.16 -6.55 -19.33
CA PRO A 936 -21.35 -7.77 -19.24
C PRO A 936 -19.84 -7.53 -19.38
N LEU A 937 -19.45 -6.60 -20.28
CA LEU A 937 -18.05 -6.16 -20.48
C LEU A 937 -17.47 -5.66 -19.14
N VAL A 938 -18.22 -4.82 -18.42
CA VAL A 938 -17.86 -4.30 -17.07
C VAL A 938 -17.84 -5.47 -16.08
N HIS A 939 -18.86 -6.35 -16.13
CA HIS A 939 -19.05 -7.51 -15.22
C HIS A 939 -17.84 -8.46 -15.29
N THR A 940 -17.40 -8.83 -16.51
CA THR A 940 -16.29 -9.79 -16.75
C THR A 940 -14.95 -9.18 -16.29
N LEU A 941 -14.67 -7.92 -16.66
CA LEU A 941 -13.41 -7.19 -16.34
C LEU A 941 -13.18 -7.13 -14.81
N ILE A 942 -14.25 -7.14 -14.01
CA ILE A 942 -14.18 -7.24 -12.52
C ILE A 942 -13.89 -8.70 -12.14
N THR A 943 -14.53 -9.66 -12.81
CA THR A 943 -14.35 -11.13 -12.59
C THR A 943 -12.90 -11.53 -12.91
N VAL A 944 -12.22 -10.84 -13.83
CA VAL A 944 -10.77 -11.07 -14.16
C VAL A 944 -9.92 -10.76 -12.93
N SER A 945 -10.09 -9.55 -12.36
CA SER A 945 -9.31 -9.03 -11.20
C SER A 945 -9.49 -9.93 -9.98
N LYS A 946 -10.68 -10.52 -9.80
CA LYS A 946 -10.99 -11.53 -8.74
C LYS A 946 -10.12 -12.77 -8.94
N ILE A 947 -10.03 -13.28 -10.18
CA ILE A 947 -9.22 -14.48 -10.55
C ILE A 947 -7.73 -14.14 -10.38
N LEU A 948 -7.30 -12.96 -10.84
CA LEU A 948 -5.87 -12.53 -10.81
C LEU A 948 -5.36 -12.45 -9.36
N HIS A 949 -6.18 -11.94 -8.43
CA HIS A 949 -5.81 -11.78 -7.00
C HIS A 949 -5.64 -13.15 -6.35
N HIS A 950 -6.56 -14.07 -6.60
CA HIS A 950 -6.54 -15.46 -6.05
C HIS A 950 -5.20 -16.13 -6.41
N LYS A 951 -4.85 -16.12 -7.70
CA LYS A 951 -3.59 -16.70 -8.25
C LYS A 951 -2.37 -16.03 -7.60
N MET A 952 -2.39 -14.70 -7.48
CA MET A 952 -1.29 -13.87 -6.93
C MET A 952 -1.09 -14.22 -5.45
N LEU A 953 -2.16 -14.22 -4.64
CA LEU A 953 -2.13 -14.57 -3.19
C LEU A 953 -1.70 -16.04 -3.04
N HIS A 954 -2.24 -16.93 -3.88
CA HIS A 954 -1.91 -18.38 -3.91
C HIS A 954 -0.41 -18.60 -4.20
N SER A 955 0.13 -17.88 -5.19
CA SER A 955 1.52 -18.03 -5.69
C SER A 955 2.54 -17.52 -4.66
N VAL A 956 2.23 -16.43 -3.95
CA VAL A 956 3.10 -15.80 -2.92
C VAL A 956 3.27 -16.77 -1.74
N LEU A 957 2.20 -17.43 -1.31
CA LEU A 957 2.19 -18.31 -0.10
C LEU A 957 3.11 -19.52 -0.30
N GLN A 958 3.06 -20.17 -1.48
CA GLN A 958 3.78 -21.43 -1.77
C GLN A 958 5.07 -21.18 -2.57
N ALA A 959 5.58 -19.94 -2.58
CA ALA A 959 6.90 -19.57 -3.15
C ALA A 959 7.99 -19.91 -2.13
N PRO A 960 9.25 -20.16 -2.53
CA PRO A 960 10.32 -20.52 -1.60
C PRO A 960 10.77 -19.35 -0.71
N MET A 961 11.41 -19.67 0.42
CA MET A 961 11.74 -18.73 1.53
C MET A 961 12.74 -17.67 1.05
N SER A 962 13.76 -18.08 0.30
CA SER A 962 14.84 -17.23 -0.29
C SER A 962 14.23 -16.03 -1.03
N THR A 963 13.20 -16.27 -1.87
CA THR A 963 12.52 -15.25 -2.72
C THR A 963 11.75 -14.25 -1.85
N LEU A 964 11.23 -14.68 -0.69
CA LEU A 964 10.37 -13.86 0.21
C LEU A 964 11.22 -13.05 1.19
N ASN A 965 12.48 -13.44 1.43
CA ASN A 965 13.48 -12.66 2.22
C ASN A 965 14.09 -11.57 1.33
N THR A 966 14.02 -11.71 0.00
CA THR A 966 14.50 -10.72 -1.00
C THR A 966 13.68 -9.43 -0.88
N LEU A 967 12.35 -9.53 -0.92
CA LEU A 967 11.41 -8.38 -1.04
C LEU A 967 11.09 -7.79 0.34
N LYS A 968 10.59 -6.54 0.36
CA LYS A 968 10.34 -5.73 1.58
C LYS A 968 8.89 -5.92 2.04
N ALA A 969 8.52 -5.26 3.15
CA ALA A 969 7.15 -5.23 3.71
C ALA A 969 6.26 -4.34 2.83
N GLY A 970 6.67 -3.08 2.64
CA GLY A 970 5.98 -2.08 1.81
C GLY A 970 5.85 -2.51 0.35
N GLY A 971 6.76 -3.35 -0.15
CA GLY A 971 6.73 -3.93 -1.51
C GLY A 971 5.53 -4.85 -1.71
N ILE A 972 5.28 -5.75 -0.74
CA ILE A 972 4.10 -6.66 -0.70
C ILE A 972 2.84 -5.80 -0.55
N LEU A 973 2.82 -4.96 0.49
CA LEU A 973 1.67 -4.13 0.94
C LEU A 973 1.30 -3.08 -0.10
N ASN A 974 2.25 -2.66 -0.95
CA ASN A 974 2.01 -1.72 -2.10
C ASN A 974 1.02 -2.36 -3.08
N ARG A 975 1.35 -3.56 -3.58
CA ARG A 975 0.63 -4.25 -4.68
C ARG A 975 -0.81 -4.59 -4.23
N PHE A 976 -0.95 -5.32 -3.13
CA PHE A 976 -2.24 -5.82 -2.58
C PHE A 976 -3.17 -4.66 -2.23
N SER A 977 -2.64 -3.51 -1.81
CA SER A 977 -3.40 -2.26 -1.54
C SER A 977 -3.73 -1.55 -2.85
N LYS A 978 -2.73 -1.02 -3.54
CA LYS A 978 -2.88 -0.04 -4.65
C LYS A 978 -3.13 -0.78 -5.98
N ASP A 979 -2.30 -1.77 -6.33
CA ASP A 979 -2.23 -2.35 -7.69
C ASP A 979 -3.33 -3.40 -7.92
N ILE A 980 -4.00 -3.89 -6.86
CA ILE A 980 -5.22 -4.74 -6.96
C ILE A 980 -6.45 -3.84 -7.03
N ALA A 981 -6.43 -2.69 -6.34
CA ALA A 981 -7.52 -1.68 -6.32
C ALA A 981 -7.68 -1.02 -7.70
N ILE A 982 -6.61 -0.93 -8.50
CA ILE A 982 -6.61 -0.33 -9.86
C ILE A 982 -7.36 -1.24 -10.84
N LEU A 983 -7.24 -2.56 -10.71
CA LEU A 983 -7.90 -3.56 -11.59
C LEU A 983 -9.40 -3.66 -11.26
N ASP A 984 -9.81 -3.25 -10.06
CA ASP A 984 -11.22 -3.35 -9.55
C ASP A 984 -12.00 -2.08 -9.90
N ASP A 985 -11.38 -0.89 -9.72
CA ASP A 985 -12.07 0.43 -9.77
C ASP A 985 -11.85 1.09 -11.13
N LEU A 986 -10.62 1.47 -11.45
CA LEU A 986 -10.29 2.39 -12.58
C LEU A 986 -10.27 1.63 -13.91
N LEU A 987 -9.54 0.51 -14.00
CA LEU A 987 -9.23 -0.20 -15.28
C LEU A 987 -10.50 -0.69 -15.96
N PRO A 988 -11.49 -1.30 -15.26
CA PRO A 988 -12.70 -1.81 -15.91
C PRO A 988 -13.49 -0.85 -16.81
N LEU A 989 -13.47 0.46 -16.52
CA LEU A 989 -14.22 1.50 -17.29
C LEU A 989 -13.28 2.27 -18.24
N THR A 990 -12.05 2.56 -17.85
CA THR A 990 -11.03 3.23 -18.73
C THR A 990 -10.95 2.46 -20.05
N ILE A 991 -11.04 1.13 -20.00
CA ILE A 991 -11.13 0.22 -21.18
C ILE A 991 -12.42 0.50 -21.96
N PHE A 992 -13.57 0.55 -21.28
CA PHE A 992 -14.91 0.76 -21.88
C PHE A 992 -14.90 2.03 -22.76
N ASP A 993 -14.36 3.13 -22.24
CA ASP A 993 -14.25 4.44 -22.96
C ASP A 993 -13.33 4.28 -24.18
N PHE A 994 -12.18 3.62 -24.00
CA PHE A 994 -11.18 3.36 -25.07
C PHE A 994 -11.83 2.57 -26.20
N ILE A 995 -12.53 1.47 -25.89
CA ILE A 995 -13.26 0.61 -26.87
C ILE A 995 -14.38 1.43 -27.52
N GLN A 996 -15.24 2.06 -26.70
CA GLN A 996 -16.39 2.89 -27.14
C GLN A 996 -15.91 3.94 -28.16
N LEU A 997 -14.86 4.70 -27.84
CA LEU A 997 -14.31 5.77 -28.72
C LEU A 997 -13.68 5.15 -29.96
N LEU A 998 -12.91 4.07 -29.81
CA LEU A 998 -12.21 3.35 -30.90
C LEU A 998 -13.24 2.84 -31.94
N LEU A 999 -14.35 2.25 -31.49
CA LEU A 999 -15.43 1.73 -32.37
C LEU A 999 -16.06 2.87 -33.19
N ILE A 1000 -16.38 3.99 -32.53
CA ILE A 1000 -17.06 5.19 -33.13
C ILE A 1000 -16.22 5.73 -34.30
N VAL A 1001 -14.89 5.81 -34.14
CA VAL A 1001 -13.94 6.28 -35.20
C VAL A 1001 -14.00 5.30 -36.37
N ILE A 1002 -13.64 4.03 -36.13
CA ILE A 1002 -13.58 2.92 -37.13
C ILE A 1002 -14.90 2.89 -37.92
N GLY A 1003 -16.02 2.79 -37.21
CA GLY A 1003 -17.38 2.68 -37.81
C GLY A 1003 -17.76 3.89 -38.63
N ALA A 1004 -17.40 5.10 -38.16
CA ALA A 1004 -17.65 6.39 -38.85
C ALA A 1004 -16.80 6.47 -40.13
N ILE A 1005 -15.48 6.20 -40.02
CA ILE A 1005 -14.55 6.17 -41.18
C ILE A 1005 -15.06 5.14 -42.20
N ALA A 1006 -15.35 3.91 -41.75
CA ALA A 1006 -15.78 2.76 -42.59
C ALA A 1006 -16.94 3.17 -43.50
N VAL A 1007 -18.06 3.60 -42.91
CA VAL A 1007 -19.32 3.99 -43.61
C VAL A 1007 -19.02 5.13 -44.61
N VAL A 1008 -18.24 6.12 -44.18
CA VAL A 1008 -17.83 7.30 -45.01
C VAL A 1008 -16.88 6.82 -46.12
N ALA A 1009 -15.95 5.92 -45.81
CA ALA A 1009 -14.92 5.38 -46.74
C ALA A 1009 -15.59 4.55 -47.85
N VAL A 1010 -16.43 3.57 -47.48
CA VAL A 1010 -17.11 2.65 -48.43
C VAL A 1010 -18.03 3.46 -49.37
N LEU A 1011 -18.64 4.53 -48.87
CA LEU A 1011 -19.61 5.36 -49.63
C LEU A 1011 -18.88 6.40 -50.48
N GLN A 1012 -17.87 7.09 -49.91
CA GLN A 1012 -17.01 8.08 -50.62
C GLN A 1012 -15.54 7.70 -50.40
N PRO A 1013 -14.77 7.35 -51.46
CA PRO A 1013 -13.47 6.68 -51.30
C PRO A 1013 -12.33 7.57 -50.76
N TYR A 1014 -12.23 8.82 -51.20
CA TYR A 1014 -11.05 9.69 -51.04
C TYR A 1014 -10.83 10.12 -49.58
N ILE A 1015 -11.89 10.10 -48.74
CA ILE A 1015 -11.84 10.53 -47.31
C ILE A 1015 -10.91 9.59 -46.54
N PHE A 1016 -11.01 8.28 -46.80
CA PHE A 1016 -10.12 7.23 -46.25
C PHE A 1016 -8.66 7.58 -46.56
N VAL A 1017 -8.37 7.97 -47.81
CA VAL A 1017 -7.00 8.37 -48.28
C VAL A 1017 -6.62 9.69 -47.57
N ALA A 1018 -7.58 10.60 -47.39
CA ALA A 1018 -7.37 11.93 -46.74
C ALA A 1018 -7.02 11.77 -45.26
N THR A 1019 -7.62 10.79 -44.56
CA THR A 1019 -7.37 10.55 -43.11
C THR A 1019 -5.96 9.99 -42.87
N VAL A 1020 -5.49 9.07 -43.73
CA VAL A 1020 -4.22 8.28 -43.58
C VAL A 1020 -3.05 9.14 -43.11
N PRO A 1021 -2.71 10.27 -43.78
CA PRO A 1021 -1.58 11.10 -43.34
C PRO A 1021 -1.70 11.69 -41.92
N VAL A 1022 -2.92 11.83 -41.40
CA VAL A 1022 -3.19 12.30 -40.00
C VAL A 1022 -3.19 11.09 -39.06
N ILE A 1023 -3.73 9.95 -39.51
CA ILE A 1023 -3.75 8.65 -38.76
C ILE A 1023 -2.32 8.30 -38.34
N VAL A 1024 -1.41 8.20 -39.33
CA VAL A 1024 0.00 7.76 -39.16
C VAL A 1024 0.75 8.70 -38.21
N ALA A 1025 0.44 10.00 -38.23
CA ALA A 1025 1.09 11.06 -37.41
C ALA A 1025 0.89 10.78 -35.91
N PHE A 1026 -0.33 10.41 -35.50
CA PHE A 1026 -0.68 10.11 -34.09
C PHE A 1026 -0.03 8.79 -33.66
N ILE A 1027 -0.12 7.75 -34.50
CA ILE A 1027 0.44 6.39 -34.23
C ILE A 1027 1.97 6.48 -34.14
N MET A 1028 2.59 7.29 -35.00
CA MET A 1028 4.06 7.58 -34.97
C MET A 1028 4.43 8.19 -33.61
N LEU A 1029 3.76 9.28 -33.22
CA LEU A 1029 4.09 10.07 -32.00
C LEU A 1029 3.76 9.25 -30.74
N ARG A 1030 2.72 8.41 -30.80
CA ARG A 1030 2.31 7.50 -29.68
C ARG A 1030 3.41 6.47 -29.42
N ALA A 1031 3.87 5.78 -30.48
CA ALA A 1031 4.94 4.75 -30.44
C ALA A 1031 6.25 5.35 -29.94
N TYR A 1032 6.50 6.64 -30.20
CA TYR A 1032 7.69 7.41 -29.73
C TYR A 1032 7.58 7.72 -28.23
N PHE A 1033 6.40 8.18 -27.79
CA PHE A 1033 6.12 8.62 -26.40
C PHE A 1033 6.27 7.47 -25.41
N LEU A 1034 5.65 6.31 -25.71
CA LEU A 1034 5.48 5.17 -24.78
C LEU A 1034 6.84 4.57 -24.37
N GLN A 1035 7.88 4.70 -25.21
CA GLN A 1035 9.25 4.17 -24.94
C GLN A 1035 9.83 4.80 -23.66
N THR A 1036 9.46 6.04 -23.34
CA THR A 1036 9.86 6.79 -22.12
C THR A 1036 8.81 6.62 -21.03
N SER A 1037 7.53 6.87 -21.36
CA SER A 1037 6.37 6.88 -20.43
C SER A 1037 6.28 5.58 -19.63
N GLN A 1038 6.38 4.43 -20.30
CA GLN A 1038 6.31 3.08 -19.68
C GLN A 1038 7.41 2.92 -18.61
N GLN A 1039 8.64 3.34 -18.92
CA GLN A 1039 9.83 3.19 -18.04
C GLN A 1039 9.72 4.14 -16.83
N LEU A 1040 9.23 5.37 -17.04
CA LEU A 1040 8.97 6.35 -15.95
C LEU A 1040 7.88 5.83 -15.02
N LYS A 1041 6.82 5.23 -15.57
CA LYS A 1041 5.63 4.76 -14.81
C LYS A 1041 6.01 3.62 -13.86
N GLN A 1042 7.03 2.81 -14.18
CA GLN A 1042 7.51 1.70 -13.32
C GLN A 1042 8.37 2.25 -12.17
N LEU A 1043 9.25 3.22 -12.46
CA LEU A 1043 10.09 3.92 -11.46
C LEU A 1043 9.19 4.60 -10.42
N GLU A 1044 8.12 5.26 -10.88
CA GLU A 1044 7.14 5.96 -9.99
C GLU A 1044 6.34 4.94 -9.18
N SER A 1045 5.87 3.87 -9.82
CA SER A 1045 5.03 2.79 -9.23
C SER A 1045 5.82 2.01 -8.17
N GLU A 1046 7.09 1.68 -8.46
CA GLU A 1046 8.00 0.98 -7.50
C GLU A 1046 8.67 2.02 -6.58
N GLY A 1047 8.52 3.32 -6.85
CA GLY A 1047 8.94 4.43 -5.98
C GLY A 1047 7.99 4.69 -4.81
N ARG A 1048 6.81 4.03 -4.78
CA ARG A 1048 5.82 4.11 -3.67
C ARG A 1048 6.34 3.34 -2.45
N SER A 1049 6.87 2.12 -2.66
CA SER A 1049 7.27 1.14 -1.63
C SER A 1049 8.01 1.81 -0.46
N PRO A 1050 9.06 2.63 -0.68
CA PRO A 1050 9.70 3.40 0.40
C PRO A 1050 8.79 4.12 1.41
N ILE A 1051 7.67 4.69 0.95
CA ILE A 1051 6.72 5.48 1.81
C ILE A 1051 6.01 4.51 2.76
N PHE A 1052 5.52 3.38 2.25
CA PHE A 1052 4.82 2.32 3.01
C PHE A 1052 5.83 1.60 3.93
N THR A 1053 6.93 1.09 3.36
CA THR A 1053 8.01 0.36 4.10
C THR A 1053 8.34 1.11 5.39
N HIS A 1054 8.55 2.43 5.30
CA HIS A 1054 8.89 3.33 6.43
C HIS A 1054 7.72 3.46 7.41
N LEU A 1055 6.49 3.56 6.90
CA LEU A 1055 5.26 3.79 7.71
C LEU A 1055 4.97 2.56 8.59
N VAL A 1056 5.25 1.35 8.08
CA VAL A 1056 5.06 0.07 8.83
C VAL A 1056 5.98 0.07 10.06
N THR A 1057 7.29 0.19 9.84
CA THR A 1057 8.36 0.03 10.88
C THR A 1057 8.22 1.13 11.94
N SER A 1058 8.08 2.38 11.48
CA SER A 1058 7.87 3.60 12.30
C SER A 1058 6.77 3.35 13.35
N LEU A 1059 5.63 2.82 12.90
CA LEU A 1059 4.44 2.52 13.76
C LEU A 1059 4.76 1.40 14.75
N LYS A 1060 5.38 0.31 14.28
CA LYS A 1060 5.75 -0.89 15.09
C LYS A 1060 6.73 -0.48 16.21
N GLY A 1061 7.70 0.38 15.90
CA GLY A 1061 8.73 0.85 16.86
C GLY A 1061 8.41 2.19 17.48
N LEU A 1062 7.14 2.60 17.51
CA LEU A 1062 6.66 3.92 18.02
C LEU A 1062 7.07 4.12 19.48
N TRP A 1063 6.97 3.08 20.32
CA TRP A 1063 7.16 3.19 21.78
C TRP A 1063 8.63 3.48 22.14
N THR A 1064 9.60 3.07 21.33
CA THR A 1064 11.06 3.31 21.56
C THR A 1064 11.45 4.69 20.98
N LEU A 1065 10.92 5.04 19.80
CA LEU A 1065 11.08 6.37 19.15
C LEU A 1065 10.80 7.50 20.16
N ARG A 1066 9.75 7.36 20.97
CA ARG A 1066 9.32 8.35 21.99
C ARG A 1066 10.13 8.17 23.30
N ALA A 1067 10.56 6.94 23.61
CA ALA A 1067 11.45 6.63 24.75
C ALA A 1067 12.77 7.38 24.58
N PHE A 1068 13.47 7.15 23.47
CA PHE A 1068 14.74 7.84 23.11
C PHE A 1068 14.45 9.29 22.70
N GLY A 1069 13.31 9.55 22.07
CA GLY A 1069 12.93 10.88 21.53
C GLY A 1069 13.68 11.15 20.24
N ARG A 1070 13.33 10.44 19.16
CA ARG A 1070 14.02 10.47 17.84
C ARG A 1070 13.01 10.73 16.72
N GLN A 1071 12.00 11.57 16.96
CA GLN A 1071 11.01 12.02 15.94
C GLN A 1071 11.71 12.89 14.88
N PRO A 1072 12.56 13.87 15.26
CA PRO A 1072 13.25 14.73 14.29
C PRO A 1072 14.08 13.95 13.25
N TYR A 1073 14.66 12.82 13.65
CA TYR A 1073 15.38 11.87 12.76
C TYR A 1073 14.38 11.26 11.77
N PHE A 1074 13.34 10.61 12.30
CA PHE A 1074 12.36 9.80 11.51
C PHE A 1074 11.52 10.69 10.58
N GLU A 1075 11.20 11.93 10.99
CA GLU A 1075 10.45 12.90 10.14
C GLU A 1075 11.28 13.23 8.89
N THR A 1076 12.53 13.68 9.10
CA THR A 1076 13.49 14.03 8.01
C THR A 1076 13.84 12.77 7.21
N LEU A 1077 13.84 11.60 7.83
CA LEU A 1077 14.07 10.29 7.16
C LEU A 1077 12.85 9.93 6.28
N PHE A 1078 11.64 10.31 6.71
CA PHE A 1078 10.36 10.11 5.99
C PHE A 1078 10.23 11.12 4.83
N HIS A 1079 10.71 12.37 5.02
CA HIS A 1079 10.69 13.43 3.97
C HIS A 1079 11.42 12.97 2.70
N LYS A 1080 12.52 12.22 2.83
CA LYS A 1080 13.31 11.67 1.71
C LYS A 1080 12.42 10.81 0.81
N ALA A 1081 11.66 9.88 1.41
CA ALA A 1081 10.79 8.88 0.74
C ALA A 1081 9.74 9.59 -0.13
N LEU A 1082 9.20 10.74 0.34
CA LEU A 1082 8.23 11.57 -0.42
C LEU A 1082 8.94 12.28 -1.58
N ASN A 1083 10.13 12.85 -1.33
CA ASN A 1083 10.97 13.57 -2.34
C ASN A 1083 11.34 12.62 -3.47
N LEU A 1084 11.78 11.40 -3.12
CA LEU A 1084 12.10 10.30 -4.08
C LEU A 1084 10.90 10.06 -5.02
N HIS A 1085 9.70 9.93 -4.45
CA HIS A 1085 8.43 9.67 -5.20
C HIS A 1085 8.07 10.89 -6.05
N THR A 1086 8.18 12.11 -5.49
CA THR A 1086 7.94 13.40 -6.20
C THR A 1086 8.86 13.50 -7.42
N ALA A 1087 10.15 13.18 -7.26
CA ALA A 1087 11.19 13.22 -8.32
C ALA A 1087 10.78 12.39 -9.53
N ASN A 1088 10.15 11.22 -9.30
CA ASN A 1088 9.70 10.26 -10.36
C ASN A 1088 8.32 10.67 -10.90
N TRP A 1089 7.37 10.98 -10.01
CA TRP A 1089 5.96 11.32 -10.36
C TRP A 1089 5.92 12.61 -11.17
N PHE A 1090 6.54 13.68 -10.66
CA PHE A 1090 6.60 15.01 -11.32
C PHE A 1090 7.16 14.87 -12.74
N LEU A 1091 8.18 14.04 -12.91
CA LEU A 1091 8.89 13.80 -14.20
C LEU A 1091 7.92 13.12 -15.18
N TYR A 1092 7.22 12.06 -14.74
CA TYR A 1092 6.20 11.33 -15.54
C TYR A 1092 5.05 12.27 -15.92
N LEU A 1093 4.56 13.04 -14.94
CA LEU A 1093 3.40 13.97 -15.08
C LEU A 1093 3.69 15.03 -16.15
N SER A 1094 4.88 15.62 -16.14
CA SER A 1094 5.33 16.72 -17.05
C SER A 1094 5.55 16.20 -18.49
N THR A 1095 6.05 14.97 -18.64
CA THR A 1095 6.29 14.29 -19.94
C THR A 1095 4.96 14.06 -20.67
N LEU A 1096 3.86 13.87 -19.94
CA LEU A 1096 2.51 13.59 -20.51
C LEU A 1096 2.01 14.86 -21.23
N ARG A 1097 2.01 16.01 -20.55
CA ARG A 1097 1.47 17.30 -21.09
C ARG A 1097 2.18 17.67 -22.39
N TRP A 1098 3.47 17.32 -22.53
CA TRP A 1098 4.22 17.40 -23.81
C TRP A 1098 3.43 16.65 -24.89
N PHE A 1099 3.21 15.34 -24.69
CA PHE A 1099 2.49 14.46 -25.65
C PHE A 1099 1.07 15.01 -25.89
N GLN A 1100 0.38 15.44 -24.83
CA GLN A 1100 -0.99 16.02 -24.92
C GLN A 1100 -0.97 17.24 -25.84
N MET A 1101 -0.02 18.17 -25.61
CA MET A 1101 0.13 19.42 -26.40
C MET A 1101 0.51 19.09 -27.86
N ARG A 1102 1.53 18.24 -28.05
CA ARG A 1102 2.08 17.87 -29.39
C ARG A 1102 0.98 17.27 -30.26
N ILE A 1103 0.21 16.32 -29.73
CA ILE A 1103 -0.92 15.63 -30.44
C ILE A 1103 -1.94 16.69 -30.90
N GLU A 1104 -2.23 17.70 -30.08
CA GLU A 1104 -3.15 18.83 -30.43
C GLU A 1104 -2.49 19.68 -31.52
N MET A 1105 -1.20 20.04 -31.35
CA MET A 1105 -0.44 20.87 -32.33
C MET A 1105 -0.41 20.19 -33.70
N ILE A 1106 -0.21 18.86 -33.74
CA ILE A 1106 -0.22 18.04 -35.00
C ILE A 1106 -1.58 18.25 -35.70
N PHE A 1107 -2.68 18.16 -34.93
CA PHE A 1107 -4.08 18.35 -35.41
C PHE A 1107 -4.25 19.78 -35.93
N VAL A 1108 -3.86 20.78 -35.13
CA VAL A 1108 -3.97 22.23 -35.47
C VAL A 1108 -3.22 22.49 -36.78
N ILE A 1109 -1.95 22.05 -36.87
CA ILE A 1109 -1.06 22.22 -38.07
C ILE A 1109 -1.77 21.68 -39.31
N PHE A 1110 -2.30 20.45 -39.25
CA PHE A 1110 -3.04 19.79 -40.37
C PHE A 1110 -4.33 20.57 -40.68
N PHE A 1111 -5.04 21.04 -39.65
CA PHE A 1111 -6.34 21.77 -39.81
C PHE A 1111 -6.10 23.10 -40.53
N ILE A 1112 -5.09 23.86 -40.08
CA ILE A 1112 -4.67 25.16 -40.70
C ILE A 1112 -4.38 24.93 -42.18
N ALA A 1113 -3.58 23.91 -42.50
CA ALA A 1113 -3.21 23.50 -43.88
C ALA A 1113 -4.47 23.12 -44.67
N VAL A 1114 -5.36 22.31 -44.08
CA VAL A 1114 -6.64 21.85 -44.70
C VAL A 1114 -7.50 23.06 -45.04
N THR A 1115 -7.71 23.98 -44.09
CA THR A 1115 -8.67 25.12 -44.20
C THR A 1115 -8.26 26.08 -45.33
N PHE A 1116 -6.97 26.43 -45.44
CA PHE A 1116 -6.44 27.35 -46.49
C PHE A 1116 -6.57 26.69 -47.86
N ILE A 1117 -6.12 25.43 -47.99
CA ILE A 1117 -6.28 24.59 -49.22
C ILE A 1117 -7.77 24.54 -49.58
N SER A 1118 -8.66 24.38 -48.59
CA SER A 1118 -10.14 24.39 -48.75
C SER A 1118 -10.60 25.72 -49.34
N ILE A 1119 -10.33 26.82 -48.63
CA ILE A 1119 -10.88 28.18 -48.93
C ILE A 1119 -10.29 28.70 -50.24
N LEU A 1120 -8.97 28.63 -50.43
CA LEU A 1120 -8.26 29.22 -51.61
C LEU A 1120 -8.68 28.49 -52.89
N THR A 1121 -8.67 27.16 -52.88
CA THR A 1121 -8.97 26.29 -54.06
C THR A 1121 -10.47 26.34 -54.41
N THR A 1122 -11.32 26.73 -53.46
CA THR A 1122 -12.80 26.86 -53.63
C THR A 1122 -13.11 27.43 -55.02
N GLY A 1123 -13.82 26.67 -55.85
CA GLY A 1123 -14.23 27.07 -57.22
C GLY A 1123 -15.31 28.14 -57.20
N GLU A 1124 -15.75 28.58 -58.37
CA GLU A 1124 -16.78 29.64 -58.53
C GLU A 1124 -18.13 29.08 -58.08
N GLY A 1125 -18.39 27.80 -58.39
CA GLY A 1125 -19.59 27.04 -57.96
C GLY A 1125 -19.24 25.59 -57.65
N GLU A 1126 -19.59 25.11 -56.46
CA GLU A 1126 -19.43 23.69 -56.02
C GLU A 1126 -17.94 23.35 -55.99
N GLY A 1127 -17.22 23.81 -54.97
CA GLY A 1127 -15.78 23.53 -54.75
C GLY A 1127 -15.60 22.20 -54.05
N ARG A 1128 -15.12 21.18 -54.76
CA ARG A 1128 -15.13 19.75 -54.35
C ARG A 1128 -13.72 19.31 -53.90
N VAL A 1129 -13.08 20.08 -53.02
CA VAL A 1129 -11.76 19.75 -52.40
C VAL A 1129 -11.89 19.94 -50.88
N GLY A 1130 -12.22 21.16 -50.45
CA GLY A 1130 -12.42 21.56 -49.04
C GLY A 1130 -13.48 20.72 -48.36
N ILE A 1131 -14.49 20.27 -49.11
CA ILE A 1131 -15.60 19.40 -48.62
C ILE A 1131 -15.00 18.13 -48.02
N ILE A 1132 -14.24 17.40 -48.85
CA ILE A 1132 -13.71 16.03 -48.58
C ILE A 1132 -12.74 16.10 -47.39
N LEU A 1133 -11.86 17.11 -47.35
CA LEU A 1133 -10.78 17.25 -46.34
C LEU A 1133 -11.35 17.53 -44.95
N THR A 1134 -12.27 18.51 -44.83
CA THR A 1134 -12.83 18.97 -43.53
C THR A 1134 -13.61 17.83 -42.84
N LEU A 1135 -14.28 16.97 -43.63
CA LEU A 1135 -15.03 15.79 -43.12
C LEU A 1135 -14.07 14.85 -42.38
N ALA A 1136 -12.90 14.58 -42.96
CA ALA A 1136 -11.81 13.79 -42.33
C ALA A 1136 -11.40 14.46 -41.01
N MET A 1137 -11.09 15.76 -41.05
CA MET A 1137 -10.64 16.56 -39.88
C MET A 1137 -11.73 16.60 -38.80
N ASN A 1138 -13.01 16.47 -39.17
CA ASN A 1138 -14.14 16.34 -38.19
C ASN A 1138 -14.07 14.98 -37.47
N ILE A 1139 -13.55 13.93 -38.12
CA ILE A 1139 -13.37 12.58 -37.50
C ILE A 1139 -12.16 12.61 -36.57
N MET A 1140 -11.06 13.24 -36.99
CA MET A 1140 -9.74 13.26 -36.27
C MET A 1140 -9.90 13.90 -34.88
N SER A 1141 -10.89 14.78 -34.70
CA SER A 1141 -11.34 15.32 -33.40
C SER A 1141 -11.69 14.17 -32.44
N THR A 1142 -12.48 13.19 -32.92
CA THR A 1142 -12.92 11.98 -32.16
C THR A 1142 -11.72 11.07 -31.89
N LEU A 1143 -10.80 10.94 -32.87
CA LEU A 1143 -9.57 10.11 -32.75
C LEU A 1143 -8.62 10.72 -31.71
N GLN A 1144 -8.41 12.04 -31.75
CA GLN A 1144 -7.56 12.80 -30.78
C GLN A 1144 -7.98 12.47 -29.34
N TRP A 1145 -9.29 12.32 -29.09
CA TRP A 1145 -9.87 11.92 -27.78
C TRP A 1145 -9.56 10.43 -27.50
N ALA A 1146 -9.59 9.58 -28.52
CA ALA A 1146 -9.34 8.10 -28.42
C ALA A 1146 -7.85 7.83 -28.12
N VAL A 1147 -6.93 8.59 -28.73
CA VAL A 1147 -5.45 8.47 -28.51
C VAL A 1147 -5.13 8.85 -27.06
N ASN A 1148 -5.74 9.92 -26.54
CA ASN A 1148 -5.59 10.37 -25.13
C ASN A 1148 -6.13 9.29 -24.18
N SER A 1149 -7.27 8.68 -24.54
CA SER A 1149 -7.88 7.51 -23.82
C SER A 1149 -6.95 6.30 -23.88
N SER A 1150 -6.28 6.07 -25.01
CA SER A 1150 -5.34 4.94 -25.24
C SER A 1150 -4.12 5.01 -24.32
N ILE A 1151 -3.65 6.22 -23.98
CA ILE A 1151 -2.52 6.45 -23.02
C ILE A 1151 -3.02 6.18 -21.59
N ASP A 1152 -4.25 6.55 -21.27
CA ASP A 1152 -4.87 6.38 -19.93
C ASP A 1152 -5.07 4.89 -19.62
N VAL A 1153 -5.30 4.05 -20.64
CA VAL A 1153 -5.38 2.56 -20.49
C VAL A 1153 -3.98 2.01 -20.19
N ASP A 1154 -2.98 2.41 -20.98
CA ASP A 1154 -1.59 1.87 -20.95
C ASP A 1154 -0.96 2.08 -19.56
N SER A 1155 -1.16 3.26 -18.97
CA SER A 1155 -0.63 3.65 -17.63
C SER A 1155 -1.25 2.76 -16.54
N LEU A 1156 -2.54 2.43 -16.64
CA LEU A 1156 -3.26 1.51 -15.71
C LEU A 1156 -2.88 0.05 -16.03
N MET A 1157 -2.50 -0.25 -17.28
CA MET A 1157 -2.03 -1.60 -17.69
C MET A 1157 -0.60 -1.86 -17.22
N ARG A 1158 0.07 -0.88 -16.59
CA ARG A 1158 1.35 -1.10 -15.87
C ARG A 1158 1.08 -1.90 -14.60
N SER A 1159 -0.05 -1.64 -13.93
CA SER A 1159 -0.50 -2.30 -12.68
C SER A 1159 -0.57 -3.82 -12.89
N VAL A 1160 -1.32 -4.26 -13.92
CA VAL A 1160 -1.55 -5.71 -14.25
C VAL A 1160 -0.22 -6.39 -14.61
N SER A 1161 0.72 -5.66 -15.21
CA SER A 1161 2.08 -6.14 -15.56
C SER A 1161 2.85 -6.51 -14.27
N ARG A 1162 2.73 -5.68 -13.23
CA ARG A 1162 3.43 -5.86 -11.92
C ARG A 1162 2.71 -6.92 -11.08
N VAL A 1163 1.45 -7.22 -11.38
CA VAL A 1163 0.65 -8.30 -10.70
C VAL A 1163 1.14 -9.67 -11.24
N PHE A 1164 1.31 -9.81 -12.56
CA PHE A 1164 1.75 -11.06 -13.23
C PHE A 1164 3.14 -11.48 -12.75
N LYS A 1165 4.02 -10.53 -12.43
CA LYS A 1165 5.39 -10.79 -11.90
C LYS A 1165 5.32 -11.55 -10.57
N PHE A 1166 4.26 -11.34 -9.77
CA PHE A 1166 4.01 -12.03 -8.47
C PHE A 1166 3.35 -13.40 -8.70
N ILE A 1167 2.55 -13.54 -9.76
CA ILE A 1167 1.93 -14.84 -10.17
C ILE A 1167 3.04 -15.75 -10.74
N ASP A 1168 3.96 -15.20 -11.53
CA ASP A 1168 5.06 -15.95 -12.22
C ASP A 1168 6.31 -15.98 -11.33
N MET A 1169 6.16 -16.42 -10.07
CA MET A 1169 7.28 -16.66 -9.13
C MET A 1169 7.53 -18.17 -9.06
N PRO A 1170 8.75 -18.64 -8.73
CA PRO A 1170 9.03 -20.07 -8.64
C PRO A 1170 8.33 -20.72 -7.44
N THR A 1171 8.13 -22.05 -7.49
CA THR A 1171 7.51 -22.87 -6.41
C THR A 1171 8.61 -23.62 -5.66
N GLU A 1172 8.48 -23.71 -4.32
CA GLU A 1172 9.47 -24.37 -3.42
C GLU A 1172 9.59 -25.86 -3.77
N GLY A 1173 8.49 -26.51 -4.18
CA GLY A 1173 8.48 -27.87 -4.75
C GLY A 1173 8.91 -27.86 -6.21
N ASP A 1202 -1.60 -48.37 5.26
CA ASP A 1202 -1.34 -48.33 6.72
C ASP A 1202 -0.82 -46.94 7.11
N ILE A 1203 -1.02 -46.55 8.38
CA ILE A 1203 -0.65 -45.21 8.92
C ILE A 1203 0.88 -45.04 8.83
N TRP A 1204 1.35 -43.88 8.35
CA TRP A 1204 2.76 -43.65 7.94
C TRP A 1204 3.63 -43.41 9.18
N PRO A 1205 3.57 -42.23 9.86
CA PRO A 1205 4.55 -41.92 10.91
C PRO A 1205 4.27 -42.74 12.18
N SER A 1206 4.61 -44.03 12.14
CA SER A 1206 4.24 -45.06 13.15
C SER A 1206 5.05 -44.85 14.45
N GLY A 1207 6.31 -45.27 14.45
CA GLY A 1207 7.23 -45.14 15.61
C GLY A 1207 7.70 -43.71 15.78
N GLY A 1208 8.19 -43.10 14.70
CA GLY A 1208 8.70 -41.72 14.65
C GLY A 1208 10.21 -41.64 14.76
N GLN A 1209 10.94 -42.72 14.43
CA GLN A 1209 12.42 -42.75 14.44
C GLN A 1209 12.93 -42.02 13.18
N MET A 1210 13.96 -41.18 13.35
CA MET A 1210 14.58 -40.35 12.29
C MET A 1210 16.00 -40.87 12.01
N THR A 1211 16.47 -40.73 10.75
CA THR A 1211 17.86 -41.05 10.32
C THR A 1211 18.32 -39.94 9.36
N VAL A 1212 19.22 -39.06 9.85
CA VAL A 1212 19.87 -37.95 9.09
C VAL A 1212 21.22 -38.49 8.58
N LYS A 1213 21.56 -38.22 7.30
CA LYS A 1213 22.82 -38.70 6.65
C LYS A 1213 23.34 -37.65 5.66
N ASP A 1214 24.52 -37.08 5.94
CA ASP A 1214 25.26 -36.13 5.06
C ASP A 1214 24.37 -34.91 4.79
N LEU A 1215 23.85 -34.28 5.85
CA LEU A 1215 22.97 -33.07 5.75
C LEU A 1215 23.83 -31.81 5.72
N THR A 1216 23.42 -30.83 4.91
CA THR A 1216 24.02 -29.47 4.79
C THR A 1216 22.89 -28.43 4.74
N ALA A 1217 23.04 -27.33 5.47
CA ALA A 1217 22.05 -26.24 5.60
C ALA A 1217 22.69 -24.89 5.19
N LYS A 1218 22.03 -24.15 4.29
CA LYS A 1218 22.39 -22.76 3.91
C LYS A 1218 21.12 -22.03 3.45
N TYR A 1219 21.03 -20.73 3.74
CA TYR A 1219 19.83 -19.89 3.45
C TYR A 1219 19.86 -19.42 1.99
N THR A 1220 20.91 -18.71 1.60
CA THR A 1220 21.14 -18.22 0.21
C THR A 1220 21.72 -19.37 -0.64
N GLU A 1221 21.44 -19.35 -1.94
CA GLU A 1221 21.92 -20.37 -2.92
C GLU A 1221 23.42 -20.15 -3.16
N GLY A 1222 24.25 -21.15 -2.85
CA GLY A 1222 25.72 -21.11 -3.01
C GLY A 1222 26.38 -20.11 -2.07
N GLY A 1223 25.85 -19.97 -0.85
CA GLY A 1223 26.39 -19.09 0.20
C GLY A 1223 27.19 -19.86 1.23
N ASN A 1224 27.32 -19.31 2.45
CA ASN A 1224 28.03 -19.95 3.59
C ASN A 1224 27.16 -21.10 4.14
N ALA A 1225 27.77 -22.26 4.37
CA ALA A 1225 27.12 -23.46 4.96
C ALA A 1225 27.03 -23.30 6.48
N ILE A 1226 25.82 -23.19 7.02
CA ILE A 1226 25.54 -22.99 8.48
C ILE A 1226 25.81 -24.30 9.21
N LEU A 1227 25.34 -25.42 8.65
CA LEU A 1227 25.62 -26.81 9.12
C LEU A 1227 26.20 -27.62 7.96
N GLU A 1228 27.17 -28.50 8.24
CA GLU A 1228 27.96 -29.25 7.22
C GLU A 1228 28.12 -30.72 7.62
N ASN A 1229 27.65 -31.64 6.77
CA ASN A 1229 27.84 -33.11 6.88
C ASN A 1229 27.28 -33.62 8.22
N ILE A 1230 26.03 -33.25 8.51
CA ILE A 1230 25.31 -33.63 9.77
C ILE A 1230 24.68 -35.02 9.56
N SER A 1231 24.82 -35.90 10.56
CA SER A 1231 24.33 -37.31 10.54
C SER A 1231 24.19 -37.86 11.96
N PHE A 1232 22.95 -38.10 12.41
CA PHE A 1232 22.59 -38.69 13.72
C PHE A 1232 21.29 -39.52 13.58
N SER A 1233 20.93 -40.27 14.62
CA SER A 1233 19.77 -41.21 14.62
C SER A 1233 19.08 -41.22 15.99
N ILE A 1234 17.78 -40.90 16.01
CA ILE A 1234 16.89 -40.97 17.21
C ILE A 1234 16.09 -42.28 17.15
N SER A 1235 15.87 -42.92 18.30
CA SER A 1235 15.09 -44.18 18.47
C SER A 1235 13.63 -43.85 18.75
N PRO A 1236 12.67 -44.77 18.50
CA PRO A 1236 11.24 -44.44 18.61
C PRO A 1236 10.78 -44.18 20.07
N GLY A 1237 9.91 -43.19 20.25
CA GLY A 1237 9.36 -42.74 21.55
C GLY A 1237 10.45 -42.32 22.53
N GLN A 1238 11.35 -41.43 22.09
CA GLN A 1238 12.47 -40.89 22.91
C GLN A 1238 12.44 -39.36 22.87
N ARG A 1239 12.71 -38.72 24.02
CA ARG A 1239 12.82 -37.24 24.18
C ARG A 1239 14.29 -36.83 24.04
N VAL A 1240 14.58 -35.87 23.15
CA VAL A 1240 15.95 -35.45 22.75
C VAL A 1240 16.14 -33.96 23.06
N GLY A 1241 17.19 -33.63 23.82
CA GLY A 1241 17.60 -32.25 24.11
C GLY A 1241 18.48 -31.70 23.00
N LEU A 1242 18.25 -30.43 22.63
CA LEU A 1242 19.09 -29.66 21.66
C LEU A 1242 19.54 -28.37 22.35
N LEU A 1243 20.83 -28.03 22.24
CA LEU A 1243 21.43 -26.86 22.92
C LEU A 1243 22.73 -26.42 22.21
N GLY A 1244 23.26 -25.25 22.62
CA GLY A 1244 24.42 -24.59 22.01
C GLY A 1244 24.38 -23.09 22.25
N ARG A 1245 25.46 -22.38 21.89
CA ARG A 1245 25.61 -20.92 22.11
C ARG A 1245 24.66 -20.16 21.17
N THR A 1246 24.11 -19.03 21.65
CA THR A 1246 23.19 -18.14 20.88
C THR A 1246 23.79 -17.85 19.50
N GLY A 1247 23.05 -18.15 18.43
CA GLY A 1247 23.49 -18.02 17.03
C GLY A 1247 24.35 -19.19 16.57
N SER A 1248 24.28 -20.35 17.24
CA SER A 1248 24.97 -21.60 16.84
C SER A 1248 24.39 -22.12 15.51
N GLY A 1249 23.06 -22.26 15.44
CA GLY A 1249 22.33 -22.90 14.31
C GLY A 1249 21.13 -23.71 14.73
N LYS A 1250 20.74 -23.68 16.01
CA LYS A 1250 19.71 -24.57 16.63
C LYS A 1250 18.40 -24.50 15.83
N SER A 1251 17.95 -23.28 15.47
CA SER A 1251 16.77 -23.04 14.60
C SER A 1251 17.01 -23.64 13.21
N THR A 1252 18.17 -23.38 12.61
CA THR A 1252 18.55 -23.84 11.24
C THR A 1252 18.30 -25.35 11.14
N LEU A 1253 18.73 -26.10 12.15
CA LEU A 1253 18.55 -27.58 12.24
C LEU A 1253 17.05 -27.93 12.25
N LEU A 1254 16.22 -27.16 12.98
CA LEU A 1254 14.75 -27.40 13.08
C LEU A 1254 14.06 -27.03 11.76
N SER A 1255 14.52 -25.96 11.11
CA SER A 1255 14.05 -25.53 9.76
C SER A 1255 14.47 -26.55 8.70
N ALA A 1256 15.61 -27.22 8.89
CA ALA A 1256 16.16 -28.23 7.96
C ALA A 1256 15.26 -29.48 7.89
N PHE A 1257 14.55 -29.82 8.98
CA PHE A 1257 13.57 -30.93 9.02
C PHE A 1257 12.36 -30.58 8.13
N LEU A 1258 11.73 -29.43 8.39
CA LEU A 1258 10.59 -28.88 7.61
C LEU A 1258 11.05 -28.52 6.18
N ARG A 1259 12.38 -28.43 5.97
CA ARG A 1259 13.08 -28.05 4.71
C ARG A 1259 12.44 -26.78 4.13
N LEU A 1260 12.51 -25.70 4.92
CA LEU A 1260 12.08 -24.32 4.53
C LEU A 1260 13.23 -23.67 3.74
N LEU A 1261 14.44 -23.68 4.31
CA LEU A 1261 15.70 -23.29 3.61
C LEU A 1261 16.18 -24.48 2.77
N ASN A 1262 16.88 -24.20 1.65
CA ASN A 1262 17.34 -25.23 0.68
C ASN A 1262 18.53 -26.01 1.29
N THR A 1263 18.50 -27.34 1.16
CA THR A 1263 19.44 -28.30 1.81
C THR A 1263 19.93 -29.34 0.79
N GLU A 1264 20.88 -30.18 1.21
CA GLU A 1264 21.45 -31.33 0.44
C GLU A 1264 21.64 -32.53 1.38
N GLY A 1265 21.41 -33.75 0.88
CA GLY A 1265 21.47 -35.01 1.64
C GLY A 1265 20.12 -35.71 1.67
N GLU A 1266 19.78 -36.38 2.78
CA GLU A 1266 18.43 -36.95 3.02
C GLU A 1266 18.21 -37.20 4.52
N ILE A 1267 17.02 -36.85 5.02
CA ILE A 1267 16.49 -37.28 6.34
C ILE A 1267 15.41 -38.33 6.06
N GLN A 1268 15.64 -39.58 6.49
CA GLN A 1268 14.70 -40.72 6.26
C GLN A 1268 14.04 -41.08 7.59
N ILE A 1269 12.70 -41.12 7.61
CA ILE A 1269 11.85 -41.43 8.81
C ILE A 1269 11.24 -42.82 8.59
N ASP A 1270 11.29 -43.68 9.63
CA ASP A 1270 10.70 -45.04 9.66
C ASP A 1270 10.91 -45.73 8.30
N GLY A 1271 12.16 -45.78 7.85
CA GLY A 1271 12.58 -46.44 6.59
C GLY A 1271 11.83 -45.92 5.37
N VAL A 1272 11.56 -44.61 5.31
CA VAL A 1272 11.06 -43.90 4.08
C VAL A 1272 11.64 -42.48 4.05
N SER A 1273 12.07 -42.03 2.86
CA SER A 1273 12.87 -40.81 2.61
C SER A 1273 11.98 -39.64 2.17
N TRP A 1274 12.57 -38.46 2.01
CA TRP A 1274 11.96 -37.24 1.41
C TRP A 1274 11.36 -37.58 0.04
N ASP A 1275 12.23 -37.92 -0.91
CA ASP A 1275 11.95 -37.97 -2.37
C ASP A 1275 10.86 -39.00 -2.70
N SER A 1276 10.55 -39.91 -1.76
CA SER A 1276 9.47 -40.92 -1.88
C SER A 1276 8.07 -40.29 -1.66
N ILE A 1277 7.97 -39.09 -1.08
CA ILE A 1277 6.67 -38.42 -0.76
C ILE A 1277 6.73 -36.93 -1.16
N THR A 1278 5.56 -36.28 -1.21
CA THR A 1278 5.38 -34.82 -1.46
C THR A 1278 5.63 -34.00 -0.19
N LEU A 1279 5.99 -32.73 -0.36
CA LEU A 1279 6.42 -31.78 0.70
C LEU A 1279 5.26 -31.46 1.65
N GLN A 1280 4.12 -31.02 1.11
CA GLN A 1280 2.89 -30.66 1.87
C GLN A 1280 2.36 -31.87 2.64
N GLN A 1281 2.62 -33.10 2.16
CA GLN A 1281 2.27 -34.37 2.85
C GLN A 1281 3.36 -34.71 3.89
N TRP A 1282 4.62 -34.39 3.60
CA TRP A 1282 5.77 -34.56 4.53
C TRP A 1282 5.61 -33.65 5.77
N ARG A 1283 5.20 -32.38 5.58
CA ARG A 1283 5.14 -31.36 6.66
C ARG A 1283 3.99 -31.64 7.65
N LYS A 1284 2.99 -32.45 7.29
CA LYS A 1284 1.85 -32.82 8.17
C LYS A 1284 2.24 -33.94 9.15
N ALA A 1285 3.50 -34.37 9.17
CA ALA A 1285 4.06 -35.33 10.15
C ALA A 1285 4.48 -34.60 11.44
N PHE A 1286 5.03 -33.39 11.33
CA PHE A 1286 5.62 -32.61 12.44
C PHE A 1286 4.58 -31.65 13.05
N GLY A 1287 4.57 -31.55 14.39
CA GLY A 1287 3.91 -30.47 15.15
C GLY A 1287 4.93 -29.50 15.72
N VAL A 1288 4.90 -28.24 15.27
CA VAL A 1288 5.97 -27.23 15.55
C VAL A 1288 5.51 -26.29 16.67
N ILE A 1289 6.48 -25.75 17.44
CA ILE A 1289 6.37 -24.48 18.23
C ILE A 1289 7.53 -23.59 17.76
N PRO A 1290 7.30 -22.61 16.85
CA PRO A 1290 8.36 -21.70 16.41
C PRO A 1290 8.84 -20.74 17.52
N GLN A 1291 9.95 -20.04 17.25
CA GLN A 1291 10.58 -19.10 18.22
C GLN A 1291 9.77 -17.81 18.28
N LYS A 1292 9.50 -17.19 17.12
CA LYS A 1292 8.61 -15.99 16.99
C LYS A 1292 7.16 -16.45 16.91
N VAL A 1293 6.31 -15.94 17.82
CA VAL A 1293 4.86 -16.29 17.93
C VAL A 1293 4.07 -15.52 16.89
N PHE A 1294 3.10 -16.17 16.23
CA PHE A 1294 2.20 -15.59 15.19
C PHE A 1294 0.75 -15.68 15.68
N ILE A 1295 0.15 -14.53 16.00
CA ILE A 1295 -1.29 -14.38 16.36
C ILE A 1295 -1.90 -13.30 15.44
N PHE A 1296 -2.64 -13.74 14.42
CA PHE A 1296 -3.36 -12.86 13.44
C PHE A 1296 -4.62 -12.28 14.09
N SER A 1297 -5.26 -11.32 13.42
CA SER A 1297 -6.48 -10.62 13.88
C SER A 1297 -7.69 -11.55 13.74
N GLY A 1298 -8.31 -11.93 14.86
CA GLY A 1298 -9.50 -12.82 14.89
C GLY A 1298 -9.84 -13.28 16.30
N THR A 1299 -10.73 -14.27 16.41
CA THR A 1299 -11.20 -14.89 17.68
C THR A 1299 -10.16 -15.91 18.16
N PHE A 1300 -10.19 -16.26 19.45
CA PHE A 1300 -9.29 -17.27 20.09
C PHE A 1300 -9.43 -18.61 19.37
N ARG A 1301 -10.67 -19.09 19.16
CA ARG A 1301 -10.97 -20.38 18.49
C ARG A 1301 -10.32 -20.41 17.10
N LYS A 1302 -10.39 -19.29 16.36
CA LYS A 1302 -9.83 -19.15 14.99
C LYS A 1302 -8.30 -19.26 15.07
N ASN A 1303 -7.68 -18.63 16.08
CA ASN A 1303 -6.20 -18.65 16.32
C ASN A 1303 -5.75 -20.02 16.83
N LEU A 1304 -6.64 -20.79 17.49
CA LEU A 1304 -6.31 -22.12 18.08
C LEU A 1304 -6.53 -23.24 17.06
N ASP A 1305 -7.47 -23.09 16.11
CA ASP A 1305 -7.59 -23.98 14.93
C ASP A 1305 -8.32 -23.25 13.79
N PRO A 1306 -7.59 -22.73 12.77
CA PRO A 1306 -8.21 -22.05 11.63
C PRO A 1306 -9.20 -22.90 10.80
N TYR A 1307 -8.94 -24.20 10.69
CA TYR A 1307 -9.77 -25.15 9.90
C TYR A 1307 -11.09 -25.47 10.60
N GLU A 1308 -11.18 -25.24 11.92
CA GLU A 1308 -12.39 -25.48 12.76
C GLU A 1308 -12.75 -26.97 12.72
N GLN A 1309 -11.74 -27.83 12.91
CA GLN A 1309 -11.87 -29.31 12.95
C GLN A 1309 -12.36 -29.75 14.33
N TRP A 1310 -11.85 -29.10 15.38
CA TRP A 1310 -12.13 -29.41 16.80
C TRP A 1310 -13.38 -28.66 17.27
N SER A 1311 -14.07 -29.19 18.29
CA SER A 1311 -15.27 -28.58 18.94
C SER A 1311 -14.83 -27.59 20.01
N ASP A 1312 -15.78 -26.81 20.55
CA ASP A 1312 -15.56 -25.88 21.69
C ASP A 1312 -15.15 -26.68 22.93
N GLN A 1313 -15.86 -27.79 23.19
CA GLN A 1313 -15.57 -28.73 24.31
C GLN A 1313 -14.13 -29.24 24.20
N GLU A 1314 -13.67 -29.57 22.99
CA GLU A 1314 -12.29 -30.03 22.68
C GLU A 1314 -11.29 -28.93 23.06
N ILE A 1315 -11.51 -27.70 22.59
CA ILE A 1315 -10.62 -26.52 22.80
C ILE A 1315 -10.57 -26.22 24.31
N TRP A 1316 -11.74 -26.18 24.99
CA TRP A 1316 -11.86 -26.02 26.46
C TRP A 1316 -11.11 -27.16 27.18
N LYS A 1317 -11.20 -28.39 26.66
CA LYS A 1317 -10.55 -29.60 27.24
C LYS A 1317 -9.02 -29.52 27.10
N VAL A 1318 -8.51 -28.71 26.16
CA VAL A 1318 -7.04 -28.42 25.99
C VAL A 1318 -6.66 -27.20 26.85
N ALA A 1319 -7.49 -26.14 26.84
CA ALA A 1319 -7.23 -24.83 27.48
C ALA A 1319 -6.87 -24.96 28.97
N ASP A 1320 -7.48 -25.93 29.67
CA ASP A 1320 -7.30 -26.17 31.13
C ASP A 1320 -5.87 -26.66 31.44
N GLU A 1321 -5.33 -27.56 30.61
CA GLU A 1321 -4.03 -28.24 30.84
C GLU A 1321 -2.89 -27.24 30.64
N VAL A 1322 -2.92 -26.47 29.54
CA VAL A 1322 -1.95 -25.37 29.23
C VAL A 1322 -2.23 -24.16 30.13
N GLY A 1323 -3.45 -24.07 30.71
CA GLY A 1323 -3.79 -23.08 31.75
C GLY A 1323 -4.08 -21.72 31.17
N LEU A 1324 -4.99 -21.64 30.19
CA LEU A 1324 -5.57 -20.38 29.63
C LEU A 1324 -7.00 -20.20 30.14
N ARG A 1325 -7.38 -20.89 31.22
CA ARG A 1325 -8.73 -20.86 31.83
C ARG A 1325 -9.01 -19.44 32.34
N SER A 1326 -8.15 -18.93 33.22
CA SER A 1326 -8.24 -17.58 33.85
C SER A 1326 -7.95 -16.49 32.80
N VAL A 1327 -7.08 -16.76 31.83
CA VAL A 1327 -6.58 -15.77 30.83
C VAL A 1327 -7.74 -15.30 29.94
N ILE A 1328 -8.52 -16.25 29.40
CA ILE A 1328 -9.63 -15.99 28.45
C ILE A 1328 -10.82 -15.36 29.20
N GLU A 1329 -11.14 -15.88 30.40
CA GLU A 1329 -12.31 -15.45 31.24
C GLU A 1329 -12.23 -13.95 31.58
N GLN A 1330 -11.03 -13.36 31.56
CA GLN A 1330 -10.80 -11.90 31.79
C GLN A 1330 -11.60 -11.06 30.78
N PHE A 1331 -11.60 -11.47 29.50
CA PHE A 1331 -12.18 -10.71 28.35
C PHE A 1331 -13.68 -11.02 28.24
N PRO A 1332 -14.50 -10.12 27.63
CA PRO A 1332 -15.96 -10.30 27.60
C PRO A 1332 -16.43 -11.52 26.78
N GLY A 1333 -16.10 -11.55 25.48
CA GLY A 1333 -16.49 -12.64 24.56
C GLY A 1333 -15.59 -13.85 24.70
N LYS A 1334 -15.98 -14.82 25.54
CA LYS A 1334 -15.23 -16.10 25.77
C LYS A 1334 -15.12 -16.86 24.44
N LEU A 1335 -13.89 -16.98 23.92
CA LEU A 1335 -13.53 -17.64 22.62
C LEU A 1335 -14.15 -16.92 21.41
N ASP A 1336 -14.68 -15.71 21.59
CA ASP A 1336 -15.25 -14.86 20.49
C ASP A 1336 -14.70 -13.43 20.56
N PHE A 1337 -13.73 -13.16 21.44
CA PHE A 1337 -13.09 -11.83 21.60
C PHE A 1337 -12.10 -11.64 20.45
N VAL A 1338 -12.34 -10.63 19.60
CA VAL A 1338 -11.51 -10.33 18.39
C VAL A 1338 -10.22 -9.65 18.85
N LEU A 1339 -9.08 -10.34 18.73
CA LEU A 1339 -7.73 -9.81 19.05
C LEU A 1339 -7.28 -8.86 17.94
N VAL A 1340 -6.57 -7.77 18.31
CA VAL A 1340 -6.15 -6.67 17.39
C VAL A 1340 -4.66 -6.41 17.58
N ASP A 1341 -4.07 -5.64 16.65
CA ASP A 1341 -2.67 -5.13 16.68
C ASP A 1341 -1.69 -6.29 16.94
N GLY A 1342 -1.95 -7.45 16.32
CA GLY A 1342 -1.15 -8.69 16.50
C GLY A 1342 -1.22 -9.23 17.91
N GLY A 1343 -2.41 -9.20 18.52
CA GLY A 1343 -2.68 -9.74 19.88
C GLY A 1343 -1.90 -9.00 20.95
N CYS A 1344 -1.99 -7.67 20.96
CA CYS A 1344 -1.31 -6.76 21.93
C CYS A 1344 -2.00 -6.80 23.31
N VAL A 1345 -3.25 -7.31 23.36
CA VAL A 1345 -4.10 -7.37 24.60
C VAL A 1345 -3.52 -8.44 25.54
N LEU A 1346 -3.00 -9.55 25.01
CA LEU A 1346 -2.32 -10.62 25.77
C LEU A 1346 -0.89 -10.17 26.13
N SER A 1347 -0.33 -10.70 27.23
CA SER A 1347 1.07 -10.50 27.67
C SER A 1347 1.97 -11.54 26.99
N HIS A 1348 3.29 -11.37 27.11
CA HIS A 1348 4.33 -12.18 26.42
C HIS A 1348 4.27 -13.66 26.85
N GLY A 1349 3.96 -13.91 28.13
CA GLY A 1349 3.83 -15.27 28.70
C GLY A 1349 2.68 -16.06 28.08
N HIS A 1350 1.52 -15.41 27.90
CA HIS A 1350 0.28 -16.03 27.37
C HIS A 1350 0.46 -16.43 25.90
N LYS A 1351 1.25 -15.67 25.14
CA LYS A 1351 1.56 -15.93 23.71
C LYS A 1351 2.34 -17.25 23.55
N GLN A 1352 3.18 -17.61 24.53
CA GLN A 1352 3.93 -18.90 24.54
C GLN A 1352 2.95 -20.04 24.82
N LEU A 1353 2.02 -19.84 25.76
CA LEU A 1353 0.97 -20.84 26.12
C LEU A 1353 -0.06 -20.96 24.98
N MET A 1354 -0.22 -19.92 24.16
CA MET A 1354 -1.10 -19.93 22.96
C MET A 1354 -0.52 -20.90 21.91
N CYS A 1355 0.78 -20.79 21.62
CA CYS A 1355 1.54 -21.67 20.68
C CYS A 1355 1.54 -23.13 21.18
N LEU A 1356 1.54 -23.33 22.50
CA LEU A 1356 1.57 -24.67 23.15
C LEU A 1356 0.26 -25.41 22.87
N ALA A 1357 -0.87 -24.80 23.23
CA ALA A 1357 -2.25 -25.31 22.98
C ALA A 1357 -2.41 -25.68 21.50
N ARG A 1358 -2.03 -24.76 20.62
CA ARG A 1358 -2.06 -24.89 19.13
C ARG A 1358 -1.34 -26.17 18.69
N SER A 1359 -0.26 -26.56 19.38
CA SER A 1359 0.51 -27.80 19.13
C SER A 1359 -0.13 -29.01 19.83
N VAL A 1360 -0.69 -28.83 21.05
CA VAL A 1360 -1.39 -29.89 21.83
C VAL A 1360 -2.62 -30.38 21.05
N LEU A 1361 -3.37 -29.46 20.42
CA LEU A 1361 -4.55 -29.78 19.56
C LEU A 1361 -4.10 -30.68 18.40
N SER A 1362 -3.06 -30.27 17.66
CA SER A 1362 -2.51 -30.98 16.48
C SER A 1362 -1.73 -32.23 16.94
N LYS A 1363 -2.44 -33.35 17.13
CA LYS A 1363 -1.89 -34.62 17.66
C LYS A 1363 -0.95 -35.26 16.62
N ALA A 1364 0.35 -35.01 16.74
CA ALA A 1364 1.43 -35.52 15.87
C ALA A 1364 2.29 -36.52 16.65
N LYS A 1365 2.98 -37.42 15.94
CA LYS A 1365 3.85 -38.48 16.52
C LYS A 1365 5.31 -38.00 16.62
N ILE A 1366 5.70 -37.01 15.81
CA ILE A 1366 6.94 -36.19 15.98
C ILE A 1366 6.51 -34.74 16.18
N LEU A 1367 7.16 -34.02 17.10
CA LEU A 1367 6.91 -32.57 17.34
C LEU A 1367 8.21 -31.86 17.75
N LEU A 1368 8.35 -30.60 17.29
CA LEU A 1368 9.57 -29.76 17.44
C LEU A 1368 9.22 -28.52 18.27
N LEU A 1369 10.10 -28.16 19.22
CA LEU A 1369 9.85 -27.08 20.20
C LEU A 1369 11.03 -26.09 20.19
N ASP A 1370 10.89 -24.98 19.45
CA ASP A 1370 11.92 -23.92 19.32
C ASP A 1370 11.78 -22.97 20.52
N GLN A 1371 12.23 -23.42 21.70
CA GLN A 1371 12.25 -22.66 22.98
C GLN A 1371 10.81 -22.33 23.41
N PRO A 1372 10.08 -23.31 24.02
CA PRO A 1372 8.75 -23.06 24.57
C PRO A 1372 8.70 -22.00 25.67
N SER A 1373 9.56 -22.12 26.69
CA SER A 1373 9.68 -21.17 27.83
C SER A 1373 10.74 -20.11 27.50
N ALA A 1374 10.31 -19.01 26.87
CA ALA A 1374 11.17 -17.87 26.46
C ALA A 1374 11.35 -16.93 27.65
N HIS A 1375 10.26 -16.38 28.19
CA HIS A 1375 10.24 -15.43 29.34
C HIS A 1375 9.34 -15.97 30.47
N LEU A 1376 9.13 -17.29 30.53
CA LEU A 1376 8.32 -17.94 31.61
C LEU A 1376 9.19 -18.09 32.86
N ASP A 1377 8.61 -17.85 34.04
CA ASP A 1377 9.27 -18.00 35.37
C ASP A 1377 9.21 -19.48 35.77
N PRO A 1378 9.99 -19.93 36.79
CA PRO A 1378 9.95 -21.32 37.24
C PRO A 1378 8.57 -21.91 37.60
N VAL A 1379 7.63 -21.07 38.07
CA VAL A 1379 6.26 -21.49 38.48
C VAL A 1379 5.46 -21.88 37.22
N THR A 1380 5.42 -20.98 36.23
CA THR A 1380 4.67 -21.14 34.95
C THR A 1380 5.26 -22.31 34.14
N TYR A 1381 6.57 -22.54 34.24
CA TYR A 1381 7.28 -23.62 33.50
C TYR A 1381 6.72 -25.00 33.88
N GLN A 1382 6.24 -25.18 35.12
CA GLN A 1382 5.67 -26.45 35.64
C GLN A 1382 4.57 -26.95 34.68
N ILE A 1383 3.81 -26.04 34.07
CA ILE A 1383 2.74 -26.33 33.08
C ILE A 1383 3.36 -26.99 31.84
N ILE A 1384 4.51 -26.48 31.37
CA ILE A 1384 5.22 -26.97 30.15
C ILE A 1384 5.56 -28.44 30.36
N ARG A 1385 6.31 -28.76 31.43
CA ARG A 1385 6.72 -30.15 31.78
C ARG A 1385 5.48 -31.00 32.10
N ARG A 1386 4.50 -30.44 32.83
CA ARG A 1386 3.21 -31.13 33.15
C ARG A 1386 2.58 -31.61 31.84
N THR A 1387 2.37 -30.71 30.87
CA THR A 1387 1.69 -31.02 29.58
C THR A 1387 2.62 -31.89 28.71
N LEU A 1388 3.94 -31.72 28.83
CA LEU A 1388 4.94 -32.49 28.04
C LEU A 1388 5.00 -33.95 28.53
N LYS A 1389 4.81 -34.19 29.83
CA LYS A 1389 4.80 -35.56 30.44
C LYS A 1389 3.47 -36.27 30.13
N GLN A 1390 2.34 -35.58 30.31
CA GLN A 1390 0.97 -36.18 30.25
C GLN A 1390 0.52 -36.34 28.80
N ALA A 1391 0.34 -35.23 28.07
CA ALA A 1391 -0.26 -35.18 26.71
C ALA A 1391 0.66 -35.86 25.69
N PHE A 1392 1.90 -35.37 25.56
CA PHE A 1392 2.92 -35.90 24.61
C PHE A 1392 3.52 -37.20 25.21
N ALA A 1393 2.77 -38.29 25.10
CA ALA A 1393 3.05 -39.58 25.79
C ALA A 1393 4.09 -40.38 25.01
N ASP A 1394 3.70 -40.97 23.87
CA ASP A 1394 4.50 -41.99 23.12
C ASP A 1394 5.25 -41.34 21.95
N CYS A 1395 5.01 -40.05 21.67
CA CYS A 1395 5.61 -39.29 20.53
C CYS A 1395 7.06 -38.93 20.85
N THR A 1396 7.89 -38.79 19.80
CA THR A 1396 9.31 -38.33 19.87
C THR A 1396 9.33 -36.80 19.96
N VAL A 1397 10.17 -36.25 20.86
CA VAL A 1397 10.29 -34.79 21.13
C VAL A 1397 11.73 -34.37 20.82
N ILE A 1398 11.92 -33.29 20.06
CA ILE A 1398 13.21 -32.55 19.94
C ILE A 1398 13.02 -31.20 20.64
N LEU A 1399 13.59 -31.05 21.85
CA LEU A 1399 13.40 -29.86 22.72
C LEU A 1399 14.65 -28.97 22.64
N CYS A 1400 14.52 -27.82 21.96
CA CYS A 1400 15.55 -26.77 21.81
C CYS A 1400 15.32 -25.68 22.87
N GLU A 1401 16.00 -25.79 24.02
CA GLU A 1401 15.78 -24.93 25.22
C GLU A 1401 17.13 -24.47 25.79
N HIS A 1402 17.15 -23.28 26.41
CA HIS A 1402 18.35 -22.65 27.03
C HIS A 1402 18.38 -22.96 28.53
N ARG A 1403 17.24 -22.89 29.23
CA ARG A 1403 17.14 -23.18 30.69
C ARG A 1403 17.59 -24.63 30.93
N ILE A 1404 18.27 -24.88 32.05
CA ILE A 1404 18.98 -26.15 32.35
C ILE A 1404 18.01 -27.14 33.04
N GLU A 1405 16.93 -26.64 33.64
CA GLU A 1405 15.87 -27.44 34.30
C GLU A 1405 15.22 -28.41 33.30
N ALA A 1406 15.12 -28.02 32.02
CA ALA A 1406 14.50 -28.80 30.92
C ALA A 1406 15.33 -30.04 30.57
N MET A 1407 16.64 -30.02 30.84
CA MET A 1407 17.59 -31.10 30.44
C MET A 1407 17.38 -32.36 31.30
N LEU A 1408 16.72 -32.24 32.46
CA LEU A 1408 16.36 -33.39 33.34
C LEU A 1408 15.44 -34.36 32.61
N GLU A 1409 14.50 -33.85 31.79
CA GLU A 1409 13.44 -34.65 31.10
C GLU A 1409 14.07 -35.55 30.03
N CYS A 1410 14.63 -34.96 28.96
CA CYS A 1410 15.08 -35.65 27.73
C CYS A 1410 16.31 -36.52 28.01
N GLN A 1411 16.48 -37.60 27.22
CA GLN A 1411 17.54 -38.63 27.40
C GLN A 1411 18.78 -38.23 26.59
N GLN A 1412 18.71 -38.29 25.27
CA GLN A 1412 19.85 -37.98 24.34
C GLN A 1412 19.98 -36.45 24.22
N PHE A 1413 21.20 -35.97 24.01
CA PHE A 1413 21.52 -34.53 23.83
C PHE A 1413 22.27 -34.31 22.51
N LEU A 1414 21.92 -33.25 21.79
CA LEU A 1414 22.66 -32.77 20.58
C LEU A 1414 23.24 -31.39 20.88
N VAL A 1415 24.57 -31.24 20.77
CA VAL A 1415 25.30 -29.96 20.95
C VAL A 1415 25.82 -29.49 19.58
N ILE A 1416 25.46 -28.26 19.18
CA ILE A 1416 25.87 -27.63 17.89
C ILE A 1416 26.95 -26.59 18.19
N GLU A 1417 28.08 -26.66 17.48
CA GLU A 1417 29.21 -25.70 17.55
C GLU A 1417 30.19 -25.98 16.40
N GLU A 1418 30.83 -24.93 15.88
CA GLU A 1418 31.83 -25.01 14.77
C GLU A 1418 31.15 -25.57 13.50
N ASN A 1419 29.87 -25.22 13.29
CA ASN A 1419 29.04 -25.62 12.12
C ASN A 1419 28.95 -27.16 12.02
N LYS A 1420 28.95 -27.85 13.16
CA LYS A 1420 28.87 -29.34 13.25
C LYS A 1420 28.16 -29.73 14.55
N VAL A 1421 27.80 -31.02 14.70
CA VAL A 1421 26.98 -31.55 15.83
C VAL A 1421 27.82 -32.56 16.64
N ARG A 1422 27.47 -32.72 17.92
CA ARG A 1422 27.96 -33.78 18.82
C ARG A 1422 26.78 -34.35 19.62
N GLN A 1423 26.53 -35.66 19.51
CA GLN A 1423 25.44 -36.38 20.21
C GLN A 1423 25.99 -37.00 21.50
N TYR A 1424 25.19 -37.01 22.57
CA TYR A 1424 25.55 -37.54 23.91
C TYR A 1424 24.34 -38.27 24.53
N ASP A 1425 24.61 -39.19 25.45
CA ASP A 1425 23.61 -40.09 26.09
C ASP A 1425 23.30 -39.62 27.52
N SER A 1426 24.31 -39.22 28.30
CA SER A 1426 24.20 -38.76 29.70
C SER A 1426 24.61 -37.29 29.82
N ILE A 1427 23.93 -36.54 30.70
CA ILE A 1427 24.18 -35.08 30.96
C ILE A 1427 25.55 -34.91 31.64
N GLN A 1428 25.89 -35.81 32.58
CA GLN A 1428 27.14 -35.75 33.41
C GLN A 1428 28.38 -35.67 32.50
N LYS A 1429 28.40 -36.43 31.40
CA LYS A 1429 29.53 -36.49 30.42
C LYS A 1429 29.61 -35.16 29.67
N LEU A 1430 28.47 -34.68 29.15
CA LEU A 1430 28.34 -33.43 28.33
C LEU A 1430 28.94 -32.25 29.09
N LEU A 1431 28.50 -32.03 30.33
CA LEU A 1431 28.89 -30.87 31.19
C LEU A 1431 30.34 -31.02 31.67
N ASN A 1432 30.89 -32.24 31.72
CA ASN A 1432 32.26 -32.54 32.23
C ASN A 1432 33.32 -31.89 31.33
N GLU A 1433 33.09 -31.88 30.01
CA GLU A 1433 34.05 -31.34 29.00
C GLU A 1433 34.10 -29.82 29.11
N ARG A 1434 32.94 -29.15 29.02
CA ARG A 1434 32.81 -27.66 29.02
C ARG A 1434 32.75 -27.14 30.46
N SER A 1435 33.88 -26.64 30.97
CA SER A 1435 34.02 -26.10 32.36
C SER A 1435 33.23 -24.80 32.51
N LEU A 1436 33.35 -23.88 31.54
CA LEU A 1436 32.71 -22.55 31.55
C LEU A 1436 31.18 -22.71 31.55
N PHE A 1437 30.65 -23.57 30.67
CA PHE A 1437 29.20 -23.86 30.54
C PHE A 1437 28.68 -24.56 31.81
N ARG A 1438 29.53 -25.34 32.48
CA ARG A 1438 29.21 -26.04 33.77
C ARG A 1438 29.19 -25.01 34.91
N GLN A 1439 30.16 -24.09 34.95
CA GLN A 1439 30.27 -23.03 36.00
C GLN A 1439 29.12 -22.03 35.87
N ALA A 1440 28.59 -21.83 34.66
CA ALA A 1440 27.48 -20.89 34.35
C ALA A 1440 26.19 -21.31 35.08
N ILE A 1441 25.96 -22.61 35.24
CA ILE A 1441 24.71 -23.23 35.81
C ILE A 1441 24.44 -22.60 37.19
N SER A 1442 23.18 -22.22 37.44
CA SER A 1442 22.72 -21.55 38.69
C SER A 1442 22.88 -22.51 39.87
N PRO A 1443 23.15 -22.01 41.11
CA PRO A 1443 23.23 -22.87 42.29
C PRO A 1443 21.99 -23.75 42.53
N SER A 1444 20.80 -23.20 42.33
CA SER A 1444 19.48 -23.87 42.50
C SER A 1444 19.27 -24.95 41.45
N ASP A 1445 19.87 -24.79 40.25
CA ASP A 1445 19.78 -25.76 39.12
C ASP A 1445 20.94 -26.77 39.22
N ARG A 1446 22.04 -26.41 39.89
CA ARG A 1446 23.25 -27.26 40.07
C ARG A 1446 22.93 -28.47 40.96
N VAL A 1447 22.13 -28.27 42.02
CA VAL A 1447 21.73 -29.33 43.00
C VAL A 1447 20.84 -30.37 42.30
N LYS A 1448 20.04 -29.95 41.31
CA LYS A 1448 19.09 -30.81 40.55
C LYS A 1448 19.88 -31.81 39.68
N LEU A 1449 20.87 -31.33 38.92
CA LEU A 1449 21.68 -32.15 37.97
C LEU A 1449 22.51 -33.18 38.74
N PHE A 1450 23.41 -32.70 39.61
CA PHE A 1450 24.34 -33.51 40.43
C PHE A 1450 23.73 -33.75 41.81
N PRO A 1451 23.37 -35.00 42.19
CA PRO A 1451 22.73 -35.26 43.48
C PRO A 1451 23.73 -35.24 44.65
N UNK B 1 25.00 14.62 12.53
CA UNK B 1 23.68 13.94 12.27
C UNK B 1 23.29 14.11 10.79
N UNK B 2 23.14 13.00 10.06
CA UNK B 2 22.71 12.96 8.64
C UNK B 2 21.20 13.14 8.55
N UNK B 3 20.73 14.39 8.67
CA UNK B 3 19.31 14.80 8.60
C UNK B 3 19.11 15.75 7.41
N UNK B 4 19.66 15.38 6.25
CA UNK B 4 19.52 16.11 4.96
C UNK B 4 18.44 15.42 4.11
N UNK B 5 17.20 15.92 4.18
CA UNK B 5 16.01 15.36 3.49
C UNK B 5 16.08 15.69 2.00
N UNK B 6 16.94 14.98 1.26
CA UNK B 6 17.17 15.12 -0.19
C UNK B 6 17.60 13.77 -0.78
N UNK B 7 16.96 13.33 -1.88
CA UNK B 7 17.20 12.04 -2.57
C UNK B 7 18.67 11.96 -3.00
N UNK B 8 19.40 10.95 -2.51
CA UNK B 8 20.83 10.70 -2.81
C UNK B 8 20.96 9.61 -3.88
N UNK B 9 22.14 9.53 -4.53
CA UNK B 9 22.46 8.59 -5.62
C UNK B 9 22.27 7.14 -5.17
N UNK B 10 22.68 6.82 -3.93
CA UNK B 10 22.59 5.47 -3.32
C UNK B 10 21.13 5.12 -3.01
N UNK B 11 20.36 6.07 -2.48
CA UNK B 11 18.95 5.89 -2.03
C UNK B 11 18.05 5.50 -3.21
N UNK B 12 18.17 6.20 -4.34
CA UNK B 12 17.34 6.03 -5.56
C UNK B 12 17.62 4.68 -6.22
N UNK B 13 18.83 4.14 -6.08
CA UNK B 13 19.27 2.82 -6.64
C UNK B 13 18.50 1.68 -5.96
N UNK B 14 18.24 1.79 -4.64
CA UNK B 14 17.46 0.82 -3.84
C UNK B 14 15.98 0.87 -4.22
N UNK B 15 15.45 2.07 -4.48
CA UNK B 15 14.04 2.31 -4.87
C UNK B 15 13.80 1.92 -6.33
N UNK B 16 14.80 2.11 -7.21
CA UNK B 16 14.76 1.72 -8.64
C UNK B 16 14.81 0.19 -8.76
N UNK B 17 15.84 -0.43 -8.16
CA UNK B 17 16.08 -1.90 -8.13
C UNK B 17 16.18 -2.45 -9.55
#